data_4X8X
#
_entry.id   4X8X
#
_cell.length_a   92.858
_cell.length_b   59.806
_cell.length_c   93.604
_cell.angle_alpha   90.00
_cell.angle_beta   92.84
_cell.angle_gamma   90.00
#
_symmetry.space_group_name_H-M   'P 1 21 1'
#
loop_
_entity.id
_entity.type
_entity.pdbx_description
1 polymer 'Down Syndrome cell adhesion molecule isoform 1.9'
2 branched alpha-D-mannopyranose-(1-3)-beta-D-mannopyranose-(1-4)-2-acetamido-2-deoxy-beta-D-glucopyranose-(1-4)-2-acetamido-2-deoxy-beta-D-glucopyranose
3 branched alpha-D-mannopyranose-(1-6)-beta-D-mannopyranose-(1-4)-2-acetamido-2-deoxy-beta-D-glucopyranose-(1-4)-2-acetamido-2-deoxy-beta-D-glucopyranose
4 non-polymer GLYCEROL
5 water water
#
_entity_poly.entity_id   1
_entity_poly.type   'polypeptide(L)'
_entity_poly.pdbx_seq_one_letter_code
;GGADQKGPVFLKEPTNRIDFSNSTGAEIECKASGNPMPEIIWIRSDGTAVGDVPGLRQISSDGKLVFPPFRAEDYRQEVH
AQVYACLARNQFGSIISRDVHVRAVVAQYYEADVNKEHVIRGNSAVIKCLIPSFVADFVEVVSWHTDEEENYFPGAEYDG
KYLVLPSGELHIREVGPEDGYKSYQCRTKHRLTGETRLSATKGRLVITEPVGSVRPKVNPQDKHQFIDVELASSYSLLCM
AQSYPTPSFRWYKFIEGTTRKQAVVLNDRVKQVSGTLIIKDAVVEDSGKYLCVVNNSVGGESVETVLTVTAPLSAKIDPP
TQTVDFGRPAVFTCQYTGNPIKTVSWMKDGKAIGHSEPVLRIESVKKEDKGMYQCFVRNDQESAEASAELKLGG
;
_entity_poly.pdbx_strand_id   A,B
#
loop_
_chem_comp.id
_chem_comp.type
_chem_comp.name
_chem_comp.formula
BMA D-saccharide, beta linking beta-D-mannopyranose 'C6 H12 O6'
GOL non-polymer GLYCEROL 'C3 H8 O3'
MAN D-saccharide, alpha linking alpha-D-mannopyranose 'C6 H12 O6'
NAG D-saccharide, beta linking 2-acetamido-2-deoxy-beta-D-glucopyranose 'C8 H15 N O6'
#
# COMPACT_ATOMS: atom_id res chain seq x y z
N ASP A 4 -56.58 -1.29 11.40
CA ASP A 4 -55.45 -0.97 12.31
C ASP A 4 -54.62 0.18 11.77
N GLN A 5 -54.58 1.27 12.54
CA GLN A 5 -53.79 2.44 12.18
C GLN A 5 -52.33 2.26 12.57
N LYS A 6 -51.44 2.37 11.59
CA LYS A 6 -50.00 2.23 11.83
C LYS A 6 -49.22 3.28 11.06
N GLY A 7 -48.00 3.55 11.52
CA GLY A 7 -47.13 4.52 10.88
C GLY A 7 -46.61 4.01 9.54
N PRO A 8 -45.83 4.85 8.85
CA PRO A 8 -45.31 4.52 7.52
C PRO A 8 -44.19 3.49 7.56
N VAL A 9 -44.18 2.58 6.58
CA VAL A 9 -43.08 1.64 6.41
C VAL A 9 -42.76 1.54 4.92
N PHE A 10 -41.48 1.52 4.59
CA PHE A 10 -41.08 1.50 3.19
C PHE A 10 -41.40 0.16 2.53
N LEU A 11 -42.14 0.21 1.44
CA LEU A 11 -42.53 -0.97 0.70
C LEU A 11 -41.49 -1.25 -0.38
N LYS A 12 -41.18 -0.22 -1.17
CA LYS A 12 -40.13 -0.29 -2.16
C LYS A 12 -39.17 0.89 -1.95
N GLU A 13 -37.89 0.58 -1.83
CA GLU A 13 -36.87 1.57 -1.54
C GLU A 13 -35.88 1.64 -2.71
N PRO A 14 -35.56 2.86 -3.19
CA PRO A 14 -34.59 2.95 -4.29
C PRO A 14 -33.20 2.41 -3.90
N THR A 15 -32.46 1.90 -4.87
CA THR A 15 -31.14 1.31 -4.62
C THR A 15 -30.14 2.40 -4.25
N ASN A 16 -29.10 2.01 -3.51
CA ASN A 16 -28.04 2.93 -3.11
C ASN A 16 -27.42 3.65 -4.30
N ARG A 17 -27.25 2.90 -5.39
CA ARG A 17 -26.58 3.41 -6.59
C ARG A 17 -27.50 3.34 -7.80
N ILE A 18 -27.59 4.45 -8.52
CA ILE A 18 -28.39 4.51 -9.73
C ILE A 18 -27.63 5.29 -10.81
N ASP A 19 -26.98 4.55 -11.70
CA ASP A 19 -26.20 5.11 -12.79
C ASP A 19 -26.96 5.02 -14.10
N PHE A 20 -26.79 6.02 -14.96
CA PHE A 20 -27.47 6.03 -16.25
C PHE A 20 -26.85 7.05 -17.18
N SER A 21 -26.92 6.80 -18.48
CA SER A 21 -26.37 7.70 -19.47
C SER A 21 -27.32 8.87 -19.73
N ASN A 22 -26.76 10.00 -20.15
CA ASN A 22 -27.55 11.18 -20.46
C ASN A 22 -28.51 10.95 -21.62
N SER A 23 -28.28 9.88 -22.36
CA SER A 23 -29.14 9.53 -23.49
C SER A 23 -30.29 8.63 -23.04
N THR A 24 -30.09 7.92 -21.94
CA THR A 24 -31.10 7.01 -21.41
C THR A 24 -32.06 7.71 -20.46
N GLY A 25 -31.50 8.46 -19.52
CA GLY A 25 -32.28 9.06 -18.45
C GLY A 25 -32.51 8.04 -17.35
N ALA A 26 -33.38 8.36 -16.41
CA ALA A 26 -33.68 7.44 -15.31
C ALA A 26 -35.00 7.76 -14.63
N GLU A 27 -35.60 6.73 -14.04
CA GLU A 27 -36.86 6.88 -13.32
C GLU A 27 -36.80 6.06 -12.04
N ILE A 28 -36.52 6.74 -10.93
CA ILE A 28 -36.43 6.09 -9.63
C ILE A 28 -37.80 6.16 -8.94
N GLU A 29 -38.15 5.10 -8.23
CA GLU A 29 -39.49 4.95 -7.65
C GLU A 29 -39.41 4.67 -6.16
N CYS A 30 -40.41 5.14 -5.43
CA CYS A 30 -40.49 4.93 -3.99
C CYS A 30 -41.94 4.69 -3.58
N LYS A 31 -42.16 3.63 -2.80
CA LYS A 31 -43.51 3.26 -2.37
C LYS A 31 -43.51 2.84 -0.91
N ALA A 32 -44.45 3.39 -0.14
CA ALA A 32 -44.53 3.12 1.29
C ALA A 32 -45.94 2.68 1.70
N SER A 33 -46.01 1.87 2.75
CA SER A 33 -47.28 1.39 3.27
C SER A 33 -47.60 2.10 4.58
N GLY A 34 -48.89 2.13 4.95
CA GLY A 34 -49.32 2.75 6.18
C GLY A 34 -50.79 3.10 6.15
N ASN A 35 -51.34 3.36 7.33
CA ASN A 35 -52.75 3.74 7.47
C ASN A 35 -52.91 4.85 8.51
N PRO A 36 -53.27 6.07 8.07
CA PRO A 36 -53.59 6.52 6.69
C PRO A 36 -52.45 6.34 5.71
N MET A 37 -52.77 6.43 4.42
CA MET A 37 -51.77 6.30 3.36
C MET A 37 -50.72 7.40 3.49
N PRO A 38 -49.44 7.03 3.57
CA PRO A 38 -48.40 8.06 3.71
C PRO A 38 -48.13 8.77 2.40
N GLU A 39 -47.73 10.04 2.47
CA GLU A 39 -47.35 10.80 1.28
C GLU A 39 -45.85 10.63 1.03
N ILE A 40 -45.49 10.47 -0.24
CA ILE A 40 -44.10 10.32 -0.63
C ILE A 40 -43.52 11.68 -1.00
N ILE A 41 -42.32 11.97 -0.51
CA ILE A 41 -41.67 13.25 -0.77
C ILE A 41 -40.17 13.07 -0.95
N TRP A 42 -39.67 13.52 -2.09
CA TRP A 42 -38.24 13.47 -2.38
C TRP A 42 -37.52 14.66 -1.76
N ILE A 43 -36.39 14.39 -1.10
CA ILE A 43 -35.66 15.41 -0.37
C ILE A 43 -34.15 15.34 -0.64
N ARG A 44 -33.45 16.41 -0.29
CA ARG A 44 -31.99 16.45 -0.35
C ARG A 44 -31.41 16.05 1.01
N SER A 45 -30.09 16.14 1.14
CA SER A 45 -29.42 15.73 2.36
C SER A 45 -29.81 16.60 3.56
N ASP A 46 -30.01 17.89 3.30
CA ASP A 46 -30.33 18.84 4.37
C ASP A 46 -31.80 18.78 4.78
N GLY A 47 -32.58 17.93 4.11
CA GLY A 47 -33.97 17.72 4.46
C GLY A 47 -34.95 18.52 3.63
N THR A 48 -34.44 19.47 2.85
CA THR A 48 -35.30 20.30 2.00
C THR A 48 -35.81 19.48 0.81
N ALA A 49 -37.04 19.75 0.41
CA ALA A 49 -37.66 19.03 -0.70
C ALA A 49 -37.01 19.43 -2.03
N VAL A 50 -36.82 18.45 -2.90
CA VAL A 50 -36.25 18.72 -4.22
C VAL A 50 -37.30 19.31 -5.13
N GLY A 51 -36.92 20.33 -5.89
CA GLY A 51 -37.83 21.03 -6.77
C GLY A 51 -37.67 20.59 -8.22
N ASP A 52 -38.66 20.91 -9.03
CA ASP A 52 -38.61 20.59 -10.45
C ASP A 52 -37.60 21.46 -11.16
N VAL A 53 -36.74 20.83 -11.95
CA VAL A 53 -35.83 21.52 -12.86
C VAL A 53 -36.26 21.20 -14.28
N PRO A 54 -36.74 22.20 -15.04
CA PRO A 54 -37.31 21.96 -16.38
C PRO A 54 -36.46 21.07 -17.29
N GLY A 55 -36.96 19.88 -17.59
CA GLY A 55 -36.34 18.99 -18.56
C GLY A 55 -35.21 18.14 -18.01
N LEU A 56 -34.89 18.30 -16.73
CA LEU A 56 -33.77 17.58 -16.12
C LEU A 56 -34.19 16.78 -14.89
N ARG A 57 -35.09 17.34 -14.09
CA ARG A 57 -35.56 16.67 -12.88
C ARG A 57 -37.02 17.03 -12.62
N GLN A 58 -37.91 16.08 -12.88
CA GLN A 58 -39.33 16.33 -12.74
C GLN A 58 -39.99 15.29 -11.84
N ILE A 59 -40.70 15.78 -10.82
CA ILE A 59 -41.46 14.93 -9.91
C ILE A 59 -42.82 14.63 -10.51
N SER A 60 -43.25 13.38 -10.44
CA SER A 60 -44.54 12.97 -10.97
C SER A 60 -45.45 12.46 -9.86
N SER A 61 -46.75 12.46 -10.12
CA SER A 61 -47.75 12.10 -9.11
C SER A 61 -47.57 10.68 -8.57
N ASP A 62 -47.03 9.79 -9.40
CA ASP A 62 -46.82 8.40 -8.99
C ASP A 62 -45.77 8.28 -7.89
N GLY A 63 -45.09 9.38 -7.58
CA GLY A 63 -44.04 9.38 -6.58
C GLY A 63 -42.69 9.12 -7.21
N LYS A 64 -42.68 8.94 -8.53
CA LYS A 64 -41.44 8.69 -9.25
C LYS A 64 -40.67 9.99 -9.44
N LEU A 65 -39.35 9.94 -9.23
CA LEU A 65 -38.49 11.07 -9.56
C LEU A 65 -37.80 10.79 -10.88
N VAL A 66 -38.15 11.58 -11.90
CA VAL A 66 -37.71 11.32 -13.27
C VAL A 66 -36.55 12.21 -13.69
N PHE A 67 -35.59 11.60 -14.39
CA PHE A 67 -34.48 12.31 -15.00
C PHE A 67 -34.49 12.05 -16.51
N PRO A 68 -35.09 12.96 -17.29
CA PRO A 68 -35.19 12.72 -18.74
C PRO A 68 -33.85 12.80 -19.46
N PRO A 69 -33.72 12.18 -20.64
CA PRO A 69 -32.50 12.32 -21.43
C PRO A 69 -32.17 13.80 -21.65
N PHE A 70 -30.89 14.15 -21.61
CA PHE A 70 -30.48 15.55 -21.73
C PHE A 70 -29.21 15.69 -22.56
N ARG A 71 -28.95 16.92 -22.98
CA ARG A 71 -27.76 17.23 -23.77
C ARG A 71 -26.55 17.46 -22.87
N ALA A 72 -25.36 17.22 -23.42
CA ALA A 72 -24.13 17.36 -22.66
C ALA A 72 -23.97 18.78 -22.09
N GLU A 73 -24.49 19.76 -22.81
CA GLU A 73 -24.39 21.15 -22.38
C GLU A 73 -25.37 21.45 -21.24
N ASP A 74 -26.35 20.58 -21.07
CA ASP A 74 -27.40 20.76 -20.05
C ASP A 74 -27.10 20.02 -18.75
N TYR A 75 -25.92 19.44 -18.64
CA TYR A 75 -25.52 18.73 -17.43
C TYR A 75 -25.40 19.72 -16.27
N ARG A 76 -26.16 19.48 -15.21
CA ARG A 76 -26.10 20.28 -13.98
C ARG A 76 -25.73 19.38 -12.80
N GLN A 77 -24.62 19.70 -12.15
CA GLN A 77 -24.11 18.87 -11.06
C GLN A 77 -25.10 18.74 -9.91
N GLU A 78 -25.78 19.84 -9.58
CA GLU A 78 -26.73 19.84 -8.47
C GLU A 78 -27.87 18.87 -8.71
N VAL A 79 -28.12 18.54 -9.97
CA VAL A 79 -29.19 17.63 -10.34
C VAL A 79 -28.66 16.25 -10.71
N HIS A 80 -27.60 16.22 -11.51
CA HIS A 80 -27.16 14.99 -12.16
C HIS A 80 -26.09 14.20 -11.39
N ALA A 81 -25.60 14.76 -10.28
CA ALA A 81 -24.64 14.07 -9.42
C ALA A 81 -24.96 14.37 -7.96
N GLN A 82 -26.10 13.84 -7.49
CA GLN A 82 -26.69 14.25 -6.23
C GLN A 82 -27.13 13.03 -5.42
N VAL A 83 -27.16 13.20 -4.11
CA VAL A 83 -27.66 12.17 -3.21
C VAL A 83 -29.08 12.54 -2.78
N TYR A 84 -30.05 11.83 -3.34
CA TYR A 84 -31.45 12.05 -3.00
C TYR A 84 -31.91 11.06 -1.95
N ALA A 85 -33.09 11.32 -1.39
CA ALA A 85 -33.68 10.42 -0.41
C ALA A 85 -35.19 10.54 -0.46
N CYS A 86 -35.88 9.42 -0.24
CA CYS A 86 -37.32 9.38 -0.21
C CYS A 86 -37.83 9.49 1.23
N LEU A 87 -38.79 10.38 1.46
CA LEU A 87 -39.40 10.56 2.78
C LEU A 87 -40.89 10.24 2.73
N ALA A 88 -41.28 9.20 3.47
CA ALA A 88 -42.69 8.85 3.64
C ALA A 88 -43.18 9.46 4.94
N ARG A 89 -44.44 9.92 4.95
CA ARG A 89 -44.97 10.63 6.11
C ARG A 89 -46.49 10.55 6.20
N ASN A 90 -46.96 10.37 7.43
CA ASN A 90 -48.38 10.53 7.75
C ASN A 90 -48.50 11.18 9.13
N GLN A 91 -49.70 11.15 9.71
CA GLN A 91 -49.95 11.88 10.95
C GLN A 91 -49.11 11.32 12.10
N PHE A 92 -48.80 10.02 12.03
CA PHE A 92 -48.07 9.35 13.11
C PHE A 92 -46.58 9.69 13.10
N GLY A 93 -46.06 10.00 11.91
CA GLY A 93 -44.66 10.39 11.78
C GLY A 93 -44.11 10.14 10.40
N SER A 94 -42.82 10.41 10.25
CA SER A 94 -42.16 10.27 8.96
C SER A 94 -40.91 9.37 9.06
N ILE A 95 -40.58 8.74 7.94
CA ILE A 95 -39.37 7.92 7.82
C ILE A 95 -38.64 8.29 6.54
N ILE A 96 -37.31 8.27 6.60
CA ILE A 96 -36.48 8.59 5.44
C ILE A 96 -35.80 7.33 4.92
N SER A 97 -35.71 7.20 3.60
CA SER A 97 -35.10 6.03 2.98
C SER A 97 -33.58 6.11 3.02
N ARG A 98 -32.95 5.04 2.56
CA ARG A 98 -31.50 5.01 2.43
C ARG A 98 -31.07 6.01 1.37
N ASP A 99 -29.79 6.39 1.39
CA ASP A 99 -29.26 7.34 0.44
C ASP A 99 -29.39 6.81 -0.99
N VAL A 100 -29.83 7.68 -1.89
CA VAL A 100 -29.94 7.33 -3.30
C VAL A 100 -28.95 8.20 -4.08
N HIS A 101 -27.79 7.63 -4.39
CA HIS A 101 -26.76 8.36 -5.11
C HIS A 101 -27.02 8.34 -6.60
N VAL A 102 -27.63 9.41 -7.10
CA VAL A 102 -27.92 9.54 -8.52
C VAL A 102 -26.70 10.07 -9.27
N ARG A 103 -26.39 9.45 -10.39
CA ARG A 103 -25.25 9.88 -11.21
C ARG A 103 -25.53 9.70 -12.71
N ALA A 104 -25.86 10.80 -13.36
CA ALA A 104 -26.01 10.81 -14.81
C ALA A 104 -24.62 10.92 -15.45
N VAL A 105 -24.36 10.05 -16.42
CA VAL A 105 -23.04 9.96 -17.05
C VAL A 105 -23.10 10.34 -18.52
N VAL A 106 -22.36 11.39 -18.88
CA VAL A 106 -22.31 11.83 -20.28
C VAL A 106 -21.46 10.87 -21.10
N ALA A 107 -22.09 10.20 -22.06
CA ALA A 107 -21.39 9.26 -22.92
C ALA A 107 -20.37 9.98 -23.80
N GLN A 108 -19.13 9.50 -23.76
CA GLN A 108 -18.07 10.06 -24.58
C GLN A 108 -16.99 9.02 -24.87
N TYR A 109 -16.16 9.31 -25.87
CA TYR A 109 -15.12 8.38 -26.27
C TYR A 109 -14.07 8.19 -25.18
N TYR A 110 -13.71 6.93 -24.95
CA TYR A 110 -12.57 6.59 -24.10
C TYR A 110 -11.73 5.57 -24.85
N GLU A 111 -10.56 5.24 -24.31
CA GLU A 111 -9.73 4.20 -24.90
C GLU A 111 -8.78 3.61 -23.87
N ALA A 112 -8.76 2.28 -23.80
CA ALA A 112 -7.87 1.57 -22.89
C ALA A 112 -6.50 1.39 -23.53
N ASP A 113 -5.50 1.11 -22.70
CA ASP A 113 -4.15 0.90 -23.19
C ASP A 113 -3.49 -0.28 -22.49
N VAL A 114 -2.56 -0.92 -23.20
CA VAL A 114 -1.81 -2.05 -22.67
C VAL A 114 -0.33 -1.80 -22.89
N ASN A 115 0.42 -1.78 -21.79
CA ASN A 115 1.84 -1.50 -21.85
C ASN A 115 2.65 -2.79 -21.97
N LYS A 116 3.93 -2.63 -22.24
CA LYS A 116 4.85 -3.76 -22.26
C LYS A 116 5.01 -4.34 -20.86
N GLU A 117 5.13 -5.66 -20.78
CA GLU A 117 5.44 -6.36 -19.54
C GLU A 117 6.80 -7.03 -19.65
N HIS A 118 7.72 -6.64 -18.77
CA HIS A 118 9.05 -7.24 -18.72
C HIS A 118 9.09 -8.41 -17.76
N VAL A 119 9.35 -9.60 -18.31
CA VAL A 119 9.31 -10.83 -17.53
C VAL A 119 10.55 -11.68 -17.79
N ILE A 120 11.04 -12.35 -16.76
CA ILE A 120 12.17 -13.27 -16.89
C ILE A 120 11.69 -14.60 -17.44
N ARG A 121 12.47 -15.20 -18.34
CA ARG A 121 12.12 -16.48 -18.94
C ARG A 121 11.76 -17.51 -17.86
N GLY A 122 10.64 -18.20 -18.06
CA GLY A 122 10.21 -19.25 -17.16
C GLY A 122 9.23 -18.80 -16.11
N ASN A 123 9.21 -17.49 -15.83
CA ASN A 123 8.30 -16.93 -14.85
C ASN A 123 6.92 -16.67 -15.43
N SER A 124 5.95 -16.38 -14.56
CA SER A 124 4.59 -16.07 -14.99
C SER A 124 4.42 -14.57 -15.18
N ALA A 125 3.60 -14.19 -16.16
CA ALA A 125 3.37 -12.78 -16.47
C ALA A 125 1.89 -12.44 -16.32
N VAL A 126 1.62 -11.16 -16.04
CA VAL A 126 0.27 -10.65 -15.91
C VAL A 126 0.13 -9.37 -16.71
N ILE A 127 -0.68 -9.41 -17.76
CA ILE A 127 -0.92 -8.26 -18.62
C ILE A 127 -2.16 -7.50 -18.15
N LYS A 128 -2.03 -6.20 -17.99
CA LYS A 128 -3.09 -5.37 -17.44
C LYS A 128 -3.72 -4.48 -18.51
N CYS A 129 -5.05 -4.43 -18.52
CA CYS A 129 -5.80 -3.53 -19.39
C CYS A 129 -6.01 -2.20 -18.68
N LEU A 130 -5.15 -1.22 -18.98
CA LEU A 130 -5.21 0.08 -18.32
C LEU A 130 -6.41 0.90 -18.76
N ILE A 131 -7.38 1.06 -17.86
CA ILE A 131 -8.60 1.79 -18.15
C ILE A 131 -8.53 3.20 -17.55
N PRO A 132 -8.92 4.23 -18.31
CA PRO A 132 -8.90 5.61 -17.79
C PRO A 132 -9.74 5.79 -16.54
N SER A 133 -9.33 6.71 -15.66
CA SER A 133 -10.02 6.92 -14.38
C SER A 133 -11.45 7.41 -14.55
N PHE A 134 -11.68 8.28 -15.53
CA PHE A 134 -12.98 8.92 -15.68
C PHE A 134 -14.07 8.00 -16.24
N VAL A 135 -13.71 6.73 -16.46
CA VAL A 135 -14.67 5.73 -16.93
C VAL A 135 -14.50 4.39 -16.20
N ALA A 136 -13.56 4.34 -15.27
CA ALA A 136 -13.20 3.10 -14.61
C ALA A 136 -14.38 2.46 -13.89
N ASP A 137 -15.34 3.28 -13.45
CA ASP A 137 -16.48 2.76 -12.70
C ASP A 137 -17.53 2.10 -13.61
N PHE A 138 -17.35 2.21 -14.91
CA PHE A 138 -18.36 1.72 -15.87
C PHE A 138 -17.78 0.80 -16.93
N VAL A 139 -16.46 0.68 -16.96
CA VAL A 139 -15.79 -0.10 -17.99
C VAL A 139 -15.02 -1.27 -17.37
N GLU A 140 -15.29 -2.47 -17.87
CA GLU A 140 -14.60 -3.67 -17.42
C GLU A 140 -14.11 -4.49 -18.60
N VAL A 141 -13.09 -5.31 -18.36
CA VAL A 141 -12.54 -6.18 -19.40
C VAL A 141 -13.54 -7.27 -19.76
N VAL A 142 -13.73 -7.46 -21.06
CA VAL A 142 -14.63 -8.48 -21.60
C VAL A 142 -13.83 -9.68 -22.09
N SER A 143 -12.71 -9.40 -22.75
CA SER A 143 -11.86 -10.45 -23.31
C SER A 143 -10.50 -9.89 -23.72
N TRP A 144 -9.59 -10.80 -24.07
CA TRP A 144 -8.28 -10.42 -24.59
C TRP A 144 -8.12 -10.95 -26.02
N HIS A 145 -7.22 -10.33 -26.78
CA HIS A 145 -7.06 -10.65 -28.20
C HIS A 145 -5.61 -10.60 -28.63
N THR A 146 -5.20 -11.59 -29.44
CA THR A 146 -3.83 -11.66 -29.94
C THR A 146 -3.80 -11.51 -31.46
N ASP A 147 -2.63 -11.20 -31.99
CA ASP A 147 -2.44 -11.07 -33.43
C ASP A 147 -2.16 -12.45 -34.06
N GLU A 148 -2.42 -13.51 -33.30
CA GLU A 148 -2.38 -14.87 -33.80
C GLU A 148 -3.78 -15.45 -33.78
N GLU A 149 -4.77 -14.55 -33.80
CA GLU A 149 -6.18 -14.92 -33.77
C GLU A 149 -6.51 -15.84 -32.59
N GLU A 150 -6.39 -15.29 -31.39
CA GLU A 150 -6.80 -15.96 -30.17
C GLU A 150 -7.64 -15.01 -29.34
N ASN A 151 -8.75 -15.52 -28.79
CA ASN A 151 -9.62 -14.71 -27.94
C ASN A 151 -9.89 -15.40 -26.62
N TYR A 152 -9.25 -14.90 -25.57
CA TYR A 152 -9.42 -15.46 -24.23
C TYR A 152 -10.56 -14.74 -23.52
N PHE A 153 -11.48 -15.53 -22.97
CA PHE A 153 -12.59 -15.01 -22.20
C PHE A 153 -12.50 -15.50 -20.75
N PRO A 154 -13.17 -14.79 -19.82
CA PRO A 154 -13.24 -15.28 -18.44
C PRO A 154 -13.91 -16.65 -18.38
N GLY A 155 -13.21 -17.65 -17.86
CA GLY A 155 -13.74 -18.98 -17.74
C GLY A 155 -12.68 -20.00 -17.33
N ALA A 156 -12.34 -20.87 -18.27
CA ALA A 156 -11.36 -21.93 -18.02
C ALA A 156 -10.02 -21.58 -18.64
N GLU A 157 -8.99 -22.33 -18.25
CA GLU A 157 -7.64 -22.07 -18.73
C GLU A 157 -7.45 -22.61 -20.15
N TYR A 158 -6.68 -21.88 -20.95
CA TYR A 158 -6.45 -22.25 -22.35
C TYR A 158 -5.10 -22.94 -22.50
N ASP A 159 -5.14 -24.22 -22.87
CA ASP A 159 -3.94 -25.02 -23.09
C ASP A 159 -3.05 -25.06 -21.84
N GLY A 160 -3.65 -24.79 -20.69
CA GLY A 160 -2.91 -24.74 -19.44
C GLY A 160 -1.82 -23.69 -19.44
N LYS A 161 -2.13 -22.53 -20.01
CA LYS A 161 -1.15 -21.45 -20.14
C LYS A 161 -1.77 -20.06 -19.98
N TYR A 162 -2.86 -19.82 -20.68
CA TYR A 162 -3.52 -18.51 -20.67
C TYR A 162 -4.82 -18.54 -19.86
N LEU A 163 -5.05 -17.49 -19.08
CA LEU A 163 -6.23 -17.42 -18.24
C LEU A 163 -6.57 -15.99 -17.89
N VAL A 164 -7.80 -15.58 -18.21
CA VAL A 164 -8.31 -14.28 -17.81
C VAL A 164 -8.75 -14.34 -16.34
N LEU A 165 -8.18 -13.46 -15.52
CA LEU A 165 -8.52 -13.40 -14.10
C LEU A 165 -9.83 -12.64 -13.90
N PRO A 166 -10.51 -12.88 -12.78
CA PRO A 166 -11.74 -12.11 -12.47
C PRO A 166 -11.48 -10.60 -12.46
N SER A 167 -10.24 -10.21 -12.21
CA SER A 167 -9.85 -8.80 -12.22
C SER A 167 -9.84 -8.23 -13.64
N GLY A 168 -9.79 -9.13 -14.63
CA GLY A 168 -9.77 -8.73 -16.02
C GLY A 168 -8.38 -8.77 -16.63
N GLU A 169 -7.39 -9.10 -15.80
CA GLU A 169 -6.02 -9.19 -16.26
C GLU A 169 -5.77 -10.54 -16.94
N LEU A 170 -4.89 -10.55 -17.93
CA LEU A 170 -4.51 -11.79 -18.59
C LEU A 170 -3.31 -12.41 -17.89
N HIS A 171 -3.50 -13.61 -17.33
CA HIS A 171 -2.41 -14.32 -16.65
C HIS A 171 -1.77 -15.34 -17.59
N ILE A 172 -0.44 -15.34 -17.63
CA ILE A 172 0.32 -16.24 -18.50
C ILE A 172 1.40 -16.95 -17.70
N ARG A 173 1.32 -18.27 -17.61
CA ARG A 173 2.28 -19.04 -16.81
C ARG A 173 3.45 -19.54 -17.66
N GLU A 174 4.61 -19.60 -17.03
CA GLU A 174 5.83 -20.10 -17.66
C GLU A 174 6.07 -19.49 -19.04
N VAL A 175 6.30 -18.18 -19.07
CA VAL A 175 6.53 -17.45 -20.31
C VAL A 175 7.82 -17.91 -20.98
N GLY A 176 7.81 -17.93 -22.31
CA GLY A 176 9.00 -18.21 -23.08
C GLY A 176 9.08 -17.26 -24.27
N PRO A 177 10.22 -17.23 -24.96
CA PRO A 177 10.40 -16.35 -26.13
C PRO A 177 9.27 -16.48 -27.15
N GLU A 178 8.62 -17.65 -27.16
CA GLU A 178 7.48 -17.89 -28.04
C GLU A 178 6.31 -16.97 -27.69
N ASP A 179 6.17 -16.66 -26.40
CA ASP A 179 5.10 -15.77 -25.94
C ASP A 179 5.43 -14.30 -26.19
N GLY A 180 6.68 -14.02 -26.51
CA GLY A 180 7.13 -12.66 -26.76
C GLY A 180 7.03 -12.26 -28.21
N TYR A 181 6.43 -13.11 -29.04
CA TYR A 181 6.25 -12.82 -30.45
C TYR A 181 4.86 -12.23 -30.72
N LYS A 182 3.89 -12.66 -29.93
CA LYS A 182 2.50 -12.24 -30.11
C LYS A 182 2.21 -10.93 -29.40
N SER A 183 1.18 -10.23 -29.86
CA SER A 183 0.72 -8.99 -29.24
C SER A 183 -0.56 -9.25 -28.46
N TYR A 184 -0.92 -8.31 -27.57
CA TYR A 184 -2.06 -8.48 -26.68
C TYR A 184 -2.94 -7.23 -26.61
N GLN A 185 -4.22 -7.40 -26.94
CA GLN A 185 -5.21 -6.34 -26.85
C GLN A 185 -6.35 -6.77 -25.94
N CYS A 186 -6.95 -5.81 -25.24
CA CYS A 186 -8.09 -6.11 -24.38
C CYS A 186 -9.36 -5.48 -24.92
N ARG A 187 -10.46 -6.23 -24.85
CA ARG A 187 -11.78 -5.71 -25.18
C ARG A 187 -12.48 -5.33 -23.88
N THR A 188 -13.02 -4.11 -23.84
CA THR A 188 -13.68 -3.60 -22.65
C THR A 188 -15.08 -3.11 -23.00
N LYS A 189 -16.04 -3.40 -22.12
CA LYS A 189 -17.43 -2.97 -22.30
C LYS A 189 -17.84 -1.91 -21.29
N HIS A 190 -18.50 -0.86 -21.80
CA HIS A 190 -19.10 0.18 -20.97
C HIS A 190 -20.52 -0.25 -20.60
N ARG A 191 -20.80 -0.37 -19.31
CA ARG A 191 -22.06 -0.99 -18.87
C ARG A 191 -23.26 -0.05 -18.95
N LEU A 192 -23.07 1.17 -19.44
CA LEU A 192 -24.18 2.12 -19.61
C LEU A 192 -24.54 2.30 -21.08
N THR A 193 -23.58 2.02 -21.96
CA THR A 193 -23.79 2.15 -23.40
C THR A 193 -23.85 0.79 -24.09
N GLY A 194 -23.30 -0.22 -23.44
CA GLY A 194 -23.29 -1.57 -23.98
C GLY A 194 -22.27 -1.76 -25.09
N GLU A 195 -21.49 -0.71 -25.37
CA GLU A 195 -20.48 -0.75 -26.42
C GLU A 195 -19.23 -1.50 -25.96
N THR A 196 -18.60 -2.22 -26.88
CA THR A 196 -17.33 -2.88 -26.63
C THR A 196 -16.26 -2.24 -27.51
N ARG A 197 -15.01 -2.21 -27.02
CA ARG A 197 -13.93 -1.52 -27.72
C ARG A 197 -12.59 -2.22 -27.55
N LEU A 198 -11.85 -2.33 -28.64
CA LEU A 198 -10.47 -2.82 -28.61
C LEU A 198 -9.54 -1.72 -28.15
N SER A 199 -8.53 -2.08 -27.36
CA SER A 199 -7.52 -1.12 -26.94
C SER A 199 -6.76 -0.63 -28.16
N ALA A 200 -6.38 0.64 -28.15
CA ALA A 200 -5.63 1.22 -29.26
C ALA A 200 -4.23 0.62 -29.33
N THR A 201 -3.60 0.48 -28.18
CA THR A 201 -2.24 -0.07 -28.10
C THR A 201 -2.26 -1.58 -27.88
N LYS A 202 -1.13 -2.20 -28.22
CA LYS A 202 -0.98 -3.65 -28.13
C LYS A 202 0.15 -4.00 -27.16
N GLY A 203 -0.18 -4.75 -26.11
CA GLY A 203 0.81 -5.18 -25.15
C GLY A 203 1.74 -6.24 -25.70
N ARG A 204 3.00 -6.16 -25.32
CA ARG A 204 4.02 -7.12 -25.76
C ARG A 204 4.85 -7.60 -24.57
N LEU A 205 5.19 -8.89 -24.58
CA LEU A 205 6.04 -9.48 -23.55
C LEU A 205 7.51 -9.40 -23.94
N VAL A 206 8.31 -8.72 -23.12
CA VAL A 206 9.74 -8.64 -23.32
C VAL A 206 10.43 -9.66 -22.41
N ILE A 207 10.74 -10.83 -22.95
CA ILE A 207 11.34 -11.90 -22.16
C ILE A 207 12.80 -11.57 -21.89
N THR A 208 13.20 -11.72 -20.63
CA THR A 208 14.58 -11.51 -20.21
C THR A 208 15.28 -12.84 -20.03
N GLU A 209 16.50 -12.95 -20.54
CA GLU A 209 17.33 -14.13 -20.34
C GLU A 209 18.08 -14.00 -19.01
N PRO A 210 18.11 -15.07 -18.21
CA PRO A 210 18.72 -14.98 -16.87
C PRO A 210 20.25 -14.92 -16.90
N VAL A 211 20.80 -13.86 -16.32
CA VAL A 211 22.24 -13.70 -16.21
C VAL A 211 22.70 -14.30 -14.88
N GLY A 212 22.76 -15.62 -14.82
CA GLY A 212 23.02 -16.33 -13.59
C GLY A 212 21.76 -16.40 -12.75
N SER A 213 21.90 -16.78 -11.48
CA SER A 213 20.75 -16.90 -10.61
C SER A 213 20.34 -15.54 -10.07
N VAL A 214 19.07 -15.41 -9.72
CA VAL A 214 18.52 -14.17 -9.17
C VAL A 214 17.49 -14.50 -8.10
N ARG A 215 17.57 -13.80 -6.97
CA ARG A 215 16.63 -14.01 -5.88
C ARG A 215 15.30 -13.32 -6.19
N PRO A 216 14.18 -13.86 -5.66
CA PRO A 216 12.87 -13.27 -5.91
C PRO A 216 12.75 -11.82 -5.43
N LYS A 217 12.49 -10.93 -6.38
CA LYS A 217 12.27 -9.53 -6.09
C LYS A 217 10.80 -9.18 -6.30
N VAL A 218 10.27 -8.33 -5.43
CA VAL A 218 8.91 -7.82 -5.56
C VAL A 218 8.96 -6.29 -5.61
N ASN A 219 8.19 -5.70 -6.51
CA ASN A 219 8.14 -4.25 -6.61
C ASN A 219 7.48 -3.68 -5.35
N PRO A 220 7.99 -2.54 -4.84
CA PRO A 220 7.47 -1.95 -3.60
C PRO A 220 5.95 -1.82 -3.56
N GLN A 221 5.32 -1.55 -4.70
CA GLN A 221 3.88 -1.37 -4.75
C GLN A 221 3.13 -2.70 -4.73
N ASP A 222 3.88 -3.79 -4.84
CA ASP A 222 3.30 -5.14 -4.81
C ASP A 222 3.52 -5.83 -3.47
N LYS A 223 4.31 -5.20 -2.59
CA LYS A 223 4.63 -5.79 -1.29
C LYS A 223 3.39 -5.89 -0.39
N HIS A 224 2.50 -4.91 -0.51
CA HIS A 224 1.26 -4.88 0.26
C HIS A 224 0.08 -4.75 -0.68
N GLN A 225 -0.86 -5.69 -0.57
CA GLN A 225 -2.07 -5.67 -1.37
C GLN A 225 -3.28 -5.41 -0.48
N PHE A 226 -4.25 -4.67 -1.02
CA PHE A 226 -5.49 -4.40 -0.32
C PHE A 226 -6.66 -4.60 -1.28
N ILE A 227 -7.25 -5.79 -1.24
CA ILE A 227 -8.29 -6.18 -2.19
C ILE A 227 -9.66 -6.19 -1.53
N ASP A 228 -10.65 -5.67 -2.26
CA ASP A 228 -12.04 -5.74 -1.85
C ASP A 228 -12.81 -6.56 -2.86
N VAL A 229 -13.71 -7.42 -2.38
CA VAL A 229 -14.51 -8.26 -3.28
C VAL A 229 -15.91 -8.47 -2.70
N GLU A 230 -16.91 -8.46 -3.58
CA GLU A 230 -18.29 -8.66 -3.17
C GLU A 230 -18.53 -10.14 -2.83
N LEU A 231 -19.40 -10.37 -1.86
CA LEU A 231 -19.76 -11.71 -1.44
C LEU A 231 -20.28 -12.53 -2.62
N ALA A 232 -19.94 -13.82 -2.64
CA ALA A 232 -20.42 -14.77 -3.66
C ALA A 232 -19.82 -14.54 -5.06
N SER A 233 -19.08 -13.45 -5.25
CA SER A 233 -18.46 -13.18 -6.54
C SER A 233 -17.06 -13.79 -6.61
N SER A 234 -16.54 -13.94 -7.83
CA SER A 234 -15.23 -14.53 -8.04
C SER A 234 -14.13 -13.49 -7.84
N TYR A 235 -12.93 -13.95 -7.47
CA TYR A 235 -11.80 -13.03 -7.31
C TYR A 235 -10.47 -13.78 -7.28
N SER A 236 -9.39 -13.01 -7.38
CA SER A 236 -8.05 -13.57 -7.43
C SER A 236 -7.09 -12.74 -6.58
N LEU A 237 -6.07 -13.40 -6.04
CA LEU A 237 -5.05 -12.74 -5.24
C LEU A 237 -3.68 -12.92 -5.89
N LEU A 238 -3.08 -11.82 -6.30
CA LEU A 238 -1.78 -11.87 -6.96
C LEU A 238 -0.64 -12.02 -5.96
N CYS A 239 0.48 -12.56 -6.45
CA CYS A 239 1.73 -12.62 -5.72
C CYS A 239 2.84 -12.34 -6.73
N MET A 240 3.06 -11.06 -7.01
CA MET A 240 3.94 -10.64 -8.10
C MET A 240 5.42 -10.70 -7.72
N ALA A 241 6.08 -11.81 -8.04
CA ALA A 241 7.49 -11.99 -7.73
C ALA A 241 8.26 -12.59 -8.91
N GLN A 242 9.44 -12.06 -9.18
CA GLN A 242 10.29 -12.48 -10.29
C GLN A 242 11.62 -13.04 -9.80
N SER A 243 11.97 -14.25 -10.25
CA SER A 243 13.21 -14.87 -9.84
C SER A 243 13.67 -15.94 -10.84
N TYR A 244 14.98 -16.19 -10.88
CA TYR A 244 15.52 -17.31 -11.64
C TYR A 244 16.49 -18.13 -10.79
N PRO A 245 16.29 -19.45 -10.70
CA PRO A 245 15.23 -20.25 -11.33
C PRO A 245 13.84 -19.91 -10.79
N THR A 246 12.80 -20.30 -11.52
CA THR A 246 11.43 -19.95 -11.18
C THR A 246 11.12 -20.35 -9.74
N PRO A 247 10.49 -19.45 -8.96
CA PRO A 247 10.29 -19.74 -7.53
C PRO A 247 9.02 -20.53 -7.24
N SER A 248 8.88 -20.98 -6.00
CA SER A 248 7.65 -21.62 -5.54
C SER A 248 6.82 -20.58 -4.80
N PHE A 249 5.53 -20.86 -4.64
CA PHE A 249 4.62 -19.95 -3.96
C PHE A 249 3.78 -20.70 -2.94
N ARG A 250 3.79 -20.22 -1.70
CA ARG A 250 3.00 -20.81 -0.63
C ARG A 250 2.17 -19.74 0.06
N TRP A 251 0.85 -19.95 0.08
CA TRP A 251 -0.08 -19.00 0.69
C TRP A 251 -0.45 -19.41 2.12
N TYR A 252 -0.67 -18.40 2.96
CA TYR A 252 -1.09 -18.62 4.34
C TYR A 252 -2.10 -17.56 4.73
N LYS A 253 -2.93 -17.87 5.73
CA LYS A 253 -3.85 -16.89 6.30
C LYS A 253 -3.55 -16.71 7.78
N PHE A 254 -3.29 -15.47 8.19
CA PHE A 254 -3.03 -15.17 9.59
C PHE A 254 -4.27 -15.40 10.44
N ILE A 255 -4.07 -15.91 11.65
CA ILE A 255 -5.13 -15.97 12.64
C ILE A 255 -5.36 -14.55 13.12
N GLU A 256 -6.62 -14.13 13.12
CA GLU A 256 -7.00 -12.72 13.29
C GLU A 256 -6.26 -12.02 14.42
N GLY A 257 -5.44 -11.02 14.05
CA GLY A 257 -4.73 -10.21 15.02
C GLY A 257 -3.56 -10.92 15.66
N THR A 258 -2.99 -11.90 14.97
CA THR A 258 -1.86 -12.66 15.49
C THR A 258 -0.79 -12.84 14.42
N THR A 259 0.41 -13.20 14.86
CA THR A 259 1.51 -13.49 13.96
C THR A 259 1.41 -14.91 13.42
N ARG A 260 0.58 -15.73 14.07
CA ARG A 260 0.38 -17.10 13.63
C ARG A 260 -0.32 -17.16 12.28
N LYS A 261 0.10 -18.12 11.46
CA LYS A 261 -0.48 -18.31 10.14
C LYS A 261 -0.62 -19.79 9.85
N GLN A 262 -1.56 -20.13 8.98
CA GLN A 262 -1.74 -21.52 8.56
C GLN A 262 -1.98 -21.56 7.05
N ALA A 263 -1.48 -22.61 6.43
CA ALA A 263 -1.56 -22.76 4.99
C ALA A 263 -3.00 -22.65 4.50
N VAL A 264 -3.18 -22.01 3.36
CA VAL A 264 -4.48 -21.92 2.72
C VAL A 264 -4.83 -23.28 2.12
N VAL A 265 -6.03 -23.77 2.42
CA VAL A 265 -6.49 -25.03 1.88
C VAL A 265 -6.99 -24.86 0.45
N LEU A 266 -6.27 -25.44 -0.50
CA LEU A 266 -6.70 -25.45 -1.90
C LEU A 266 -7.75 -26.54 -2.09
N ASN A 267 -8.78 -26.24 -2.88
CA ASN A 267 -9.87 -27.20 -3.07
C ASN A 267 -10.74 -26.86 -4.29
N ASP A 268 -11.97 -27.36 -4.29
CA ASP A 268 -12.92 -27.07 -5.35
C ASP A 268 -13.16 -25.59 -5.54
N ARG A 269 -13.14 -24.84 -4.44
CA ARG A 269 -13.46 -23.42 -4.46
C ARG A 269 -12.21 -22.55 -4.63
N VAL A 270 -11.13 -22.94 -3.97
CA VAL A 270 -9.88 -22.17 -3.99
C VAL A 270 -8.78 -22.92 -4.74
N LYS A 271 -8.37 -22.35 -5.87
CA LYS A 271 -7.31 -22.93 -6.71
C LYS A 271 -6.09 -22.02 -6.69
N GLN A 272 -4.92 -22.61 -6.92
CA GLN A 272 -3.68 -21.84 -7.04
C GLN A 272 -3.07 -22.05 -8.43
N VAL A 273 -3.05 -20.98 -9.22
CA VAL A 273 -2.37 -20.97 -10.52
C VAL A 273 -1.04 -20.28 -10.35
N SER A 274 0.04 -21.06 -10.38
CA SER A 274 1.38 -20.56 -10.13
C SER A 274 1.41 -19.79 -8.80
N GLY A 275 1.56 -18.47 -8.86
CA GLY A 275 1.64 -17.66 -7.67
C GLY A 275 0.31 -17.04 -7.30
N THR A 276 -0.62 -17.05 -8.26
CA THR A 276 -1.92 -16.41 -8.07
C THR A 276 -2.93 -17.37 -7.45
N LEU A 277 -3.76 -16.84 -6.57
CA LEU A 277 -4.76 -17.63 -5.87
C LEU A 277 -6.14 -17.30 -6.43
N ILE A 278 -6.73 -18.24 -7.16
CA ILE A 278 -8.02 -18.04 -7.81
C ILE A 278 -9.15 -18.61 -6.96
N ILE A 279 -10.12 -17.77 -6.62
CA ILE A 279 -11.28 -18.20 -5.81
C ILE A 279 -12.56 -18.11 -6.64
N LYS A 280 -13.32 -19.20 -6.64
CA LYS A 280 -14.51 -19.31 -7.46
C LYS A 280 -15.62 -18.36 -6.99
N ASP A 281 -15.89 -18.39 -5.69
CA ASP A 281 -16.88 -17.50 -5.10
C ASP A 281 -16.46 -17.13 -3.68
N ALA A 282 -16.64 -15.86 -3.35
CA ALA A 282 -16.20 -15.35 -2.05
C ALA A 282 -17.19 -15.69 -0.95
N VAL A 283 -16.66 -16.05 0.21
CA VAL A 283 -17.47 -16.29 1.40
C VAL A 283 -17.03 -15.30 2.48
N VAL A 284 -17.89 -15.08 3.47
CA VAL A 284 -17.61 -14.13 4.54
C VAL A 284 -16.31 -14.46 5.26
N GLU A 285 -16.00 -15.75 5.38
CA GLU A 285 -14.84 -16.19 6.15
C GLU A 285 -13.52 -15.86 5.44
N ASP A 286 -13.59 -15.52 4.16
CA ASP A 286 -12.38 -15.23 3.39
C ASP A 286 -11.70 -13.95 3.86
N SER A 287 -12.48 -13.04 4.44
CA SER A 287 -11.93 -11.77 4.93
C SER A 287 -10.83 -12.02 5.96
N GLY A 288 -9.70 -11.32 5.77
CA GLY A 288 -8.59 -11.45 6.70
C GLY A 288 -7.28 -11.01 6.06
N LYS A 289 -6.18 -11.29 6.75
CA LYS A 289 -4.84 -10.97 6.25
C LYS A 289 -4.15 -12.25 5.78
N TYR A 290 -3.67 -12.22 4.53
CA TYR A 290 -2.99 -13.36 3.93
C TYR A 290 -1.51 -13.09 3.75
N LEU A 291 -0.74 -14.16 3.58
CA LEU A 291 0.70 -14.06 3.34
C LEU A 291 1.11 -15.02 2.23
N CYS A 292 1.81 -14.50 1.23
CA CYS A 292 2.36 -15.32 0.16
C CYS A 292 3.87 -15.35 0.28
N VAL A 293 4.41 -16.55 0.45
CA VAL A 293 5.85 -16.74 0.58
C VAL A 293 6.44 -17.24 -0.73
N VAL A 294 7.54 -16.61 -1.15
CA VAL A 294 8.21 -16.93 -2.40
C VAL A 294 9.62 -17.42 -2.12
N ASN A 295 10.02 -18.51 -2.76
CA ASN A 295 11.33 -19.12 -2.50
C ASN A 295 12.00 -19.70 -3.74
N ASN A 296 13.31 -19.50 -3.82
CA ASN A 296 14.15 -20.27 -4.74
C ASN A 296 15.53 -20.46 -4.10
N SER A 297 16.45 -21.08 -4.82
CA SER A 297 17.75 -21.43 -4.26
C SER A 297 18.53 -20.21 -3.75
N VAL A 298 18.29 -19.05 -4.35
CA VAL A 298 19.05 -17.85 -4.04
C VAL A 298 18.55 -17.17 -2.77
N GLY A 299 17.24 -17.12 -2.61
CA GLY A 299 16.65 -16.47 -1.45
C GLY A 299 15.14 -16.53 -1.46
N GLY A 300 14.51 -15.61 -0.74
CA GLY A 300 13.08 -15.59 -0.62
C GLY A 300 12.50 -14.20 -0.46
N GLU A 301 11.18 -14.11 -0.56
CA GLU A 301 10.47 -12.85 -0.43
C GLU A 301 9.06 -13.15 0.03
N SER A 302 8.33 -12.12 0.48
CA SER A 302 6.97 -12.30 0.96
C SER A 302 6.05 -11.15 0.56
N VAL A 303 4.81 -11.50 0.22
CA VAL A 303 3.75 -10.53 -0.04
C VAL A 303 2.61 -10.80 0.92
N GLU A 304 2.04 -9.74 1.50
CA GLU A 304 0.87 -9.90 2.36
C GLU A 304 -0.31 -9.10 1.82
N THR A 305 -1.49 -9.69 1.94
CA THR A 305 -2.71 -9.14 1.37
C THR A 305 -3.81 -9.02 2.43
N VAL A 306 -4.46 -7.86 2.48
CA VAL A 306 -5.62 -7.66 3.33
C VAL A 306 -6.87 -7.78 2.47
N LEU A 307 -7.61 -8.86 2.66
CA LEU A 307 -8.81 -9.14 1.88
C LEU A 307 -10.07 -8.77 2.65
N THR A 308 -10.93 -7.97 2.02
CA THR A 308 -12.21 -7.59 2.62
C THR A 308 -13.35 -8.07 1.74
N VAL A 309 -14.16 -8.97 2.27
CA VAL A 309 -15.32 -9.47 1.56
C VAL A 309 -16.52 -8.58 1.85
N THR A 310 -16.79 -7.62 0.96
CA THR A 310 -17.90 -6.71 1.16
C THR A 310 -19.21 -7.45 0.98
N ALA A 311 -20.23 -7.05 1.74
CA ALA A 311 -21.54 -7.69 1.65
C ALA A 311 -22.66 -6.65 1.84
N PRO A 312 -23.81 -6.85 1.19
CA PRO A 312 -24.91 -5.88 1.25
C PRO A 312 -25.35 -5.55 2.68
N LEU A 313 -25.60 -4.27 2.94
CA LEU A 313 -26.06 -3.84 4.26
C LEU A 313 -27.57 -3.99 4.37
N SER A 314 -28.01 -4.55 5.49
CA SER A 314 -29.43 -4.71 5.79
C SER A 314 -29.66 -4.42 7.26
N ALA A 315 -30.85 -3.92 7.60
CA ALA A 315 -31.16 -3.53 8.96
C ALA A 315 -32.60 -3.87 9.33
N LYS A 316 -32.80 -4.14 10.61
CA LYS A 316 -34.11 -4.46 11.15
C LYS A 316 -34.17 -4.04 12.61
N ILE A 317 -35.22 -3.32 12.99
CA ILE A 317 -35.36 -2.87 14.38
C ILE A 317 -36.25 -3.81 15.17
N ASP A 318 -35.78 -4.17 16.37
CA ASP A 318 -36.53 -5.03 17.26
C ASP A 318 -37.00 -4.22 18.47
N PRO A 319 -38.34 -4.14 18.69
CA PRO A 319 -39.46 -4.67 17.92
C PRO A 319 -39.94 -3.71 16.84
N PRO A 320 -40.75 -4.19 15.87
CA PRO A 320 -41.32 -3.32 14.84
C PRO A 320 -42.21 -2.23 15.43
N THR A 321 -42.90 -2.55 16.52
CA THR A 321 -43.76 -1.59 17.20
C THR A 321 -43.82 -1.90 18.69
N GLN A 322 -44.06 -0.87 19.48
CA GLN A 322 -44.20 -1.05 20.93
C GLN A 322 -44.99 0.10 21.54
N THR A 323 -45.84 -0.25 22.50
CA THR A 323 -46.61 0.74 23.26
C THR A 323 -46.07 0.79 24.69
N VAL A 324 -45.60 1.97 25.10
CA VAL A 324 -45.01 2.15 26.42
C VAL A 324 -45.70 3.26 27.19
N ASP A 325 -45.91 3.04 28.48
CA ASP A 325 -46.56 4.01 29.35
C ASP A 325 -45.60 5.13 29.73
N PHE A 326 -46.16 6.25 30.18
CA PHE A 326 -45.34 7.37 30.64
C PHE A 326 -44.52 6.94 31.84
N GLY A 327 -43.27 7.37 31.90
CA GLY A 327 -42.39 7.06 33.01
C GLY A 327 -41.55 5.82 32.77
N ARG A 328 -42.00 4.95 31.86
CA ARG A 328 -41.29 3.72 31.57
C ARG A 328 -40.38 3.88 30.36
N PRO A 329 -39.33 3.04 30.26
CA PRO A 329 -38.38 3.19 29.15
C PRO A 329 -38.80 2.48 27.87
N ALA A 330 -38.40 3.02 26.73
CA ALA A 330 -38.58 2.39 25.43
C ALA A 330 -37.20 2.09 24.85
N VAL A 331 -37.05 0.88 24.31
CA VAL A 331 -35.76 0.43 23.80
C VAL A 331 -35.90 -0.07 22.36
N PHE A 332 -35.02 0.42 21.49
CA PHE A 332 -34.96 -0.01 20.10
C PHE A 332 -33.61 -0.65 19.83
N THR A 333 -33.61 -1.85 19.27
CA THR A 333 -32.39 -2.56 18.96
C THR A 333 -32.21 -2.70 17.45
N CYS A 334 -31.15 -2.08 16.93
CA CYS A 334 -30.80 -2.17 15.52
C CYS A 334 -29.94 -3.41 15.27
N GLN A 335 -30.51 -4.40 14.63
CA GLN A 335 -29.77 -5.60 14.23
C GLN A 335 -29.57 -5.59 12.72
N TYR A 336 -28.33 -5.83 12.31
CA TYR A 336 -27.94 -5.63 10.92
C TYR A 336 -27.00 -6.73 10.42
N THR A 337 -26.80 -6.75 9.11
CA THR A 337 -25.84 -7.64 8.47
C THR A 337 -25.08 -6.88 7.40
N GLY A 338 -24.14 -7.56 6.75
CA GLY A 338 -23.33 -6.96 5.72
C GLY A 338 -21.95 -6.60 6.25
N ASN A 339 -21.08 -6.12 5.36
CA ASN A 339 -19.71 -5.85 5.72
C ASN A 339 -19.04 -4.93 4.70
N PRO A 340 -18.28 -3.92 5.17
CA PRO A 340 -18.06 -3.52 6.58
C PRO A 340 -19.17 -2.60 7.09
N ILE A 341 -19.36 -2.57 8.40
CA ILE A 341 -20.27 -1.61 9.02
C ILE A 341 -19.42 -0.53 9.68
N LYS A 342 -19.49 0.67 9.12
CA LYS A 342 -18.69 1.78 9.61
C LYS A 342 -19.42 2.57 10.69
N THR A 343 -20.73 2.74 10.52
CA THR A 343 -21.52 3.54 11.45
C THR A 343 -22.95 3.00 11.60
N VAL A 344 -23.54 3.27 12.76
CA VAL A 344 -24.92 2.90 13.04
C VAL A 344 -25.61 4.03 13.80
N SER A 345 -26.28 4.92 13.07
CA SER A 345 -26.93 6.09 13.67
C SER A 345 -28.44 5.93 13.75
N TRP A 346 -29.11 6.90 14.40
CA TRP A 346 -30.55 6.84 14.61
C TRP A 346 -31.26 8.14 14.20
N MET A 347 -32.56 8.03 13.97
CA MET A 347 -33.39 9.18 13.68
C MET A 347 -34.78 9.01 14.28
N LYS A 348 -35.42 10.13 14.59
CA LYS A 348 -36.83 10.15 14.97
C LYS A 348 -37.58 11.13 14.09
N ASP A 349 -38.55 10.62 13.33
CA ASP A 349 -39.36 11.45 12.46
C ASP A 349 -38.50 12.34 11.57
N GLY A 350 -37.48 11.73 10.95
CA GLY A 350 -36.63 12.43 10.00
C GLY A 350 -35.66 13.41 10.65
N LYS A 351 -35.39 13.22 11.93
CA LYS A 351 -34.49 14.09 12.69
C LYS A 351 -33.47 13.26 13.46
N ALA A 352 -32.20 13.63 13.36
CA ALA A 352 -31.13 12.91 14.05
C ALA A 352 -31.37 12.84 15.56
N ILE A 353 -31.11 11.68 16.13
CA ILE A 353 -31.32 11.47 17.57
C ILE A 353 -30.29 10.48 18.11
N GLY A 354 -29.94 10.64 19.39
CA GLY A 354 -28.95 9.79 20.02
C GLY A 354 -27.61 9.91 19.32
N HIS A 355 -26.84 8.83 19.34
CA HIS A 355 -25.54 8.79 18.67
C HIS A 355 -25.31 7.40 18.07
N SER A 356 -24.06 7.07 17.81
CA SER A 356 -23.74 5.78 17.18
C SER A 356 -23.83 4.63 18.17
N GLU A 357 -24.87 3.82 18.02
CA GLU A 357 -25.12 2.72 18.95
C GLU A 357 -26.18 1.78 18.37
N PRO A 358 -26.00 0.46 18.55
CA PRO A 358 -26.99 -0.48 18.02
C PRO A 358 -28.30 -0.47 18.81
N VAL A 359 -28.25 0.13 20.00
CA VAL A 359 -29.40 0.22 20.87
C VAL A 359 -29.74 1.67 21.16
N LEU A 360 -30.98 2.05 20.91
CA LEU A 360 -31.48 3.38 21.26
C LEU A 360 -32.40 3.25 22.47
N ARG A 361 -32.11 4.02 23.52
CA ARG A 361 -32.89 3.97 24.74
C ARG A 361 -33.55 5.31 25.07
N ILE A 362 -34.87 5.27 25.27
CA ILE A 362 -35.60 6.40 25.83
C ILE A 362 -35.83 6.08 27.30
N GLU A 363 -35.16 6.82 28.20
CA GLU A 363 -35.22 6.50 29.63
C GLU A 363 -36.64 6.57 30.19
N SER A 364 -37.34 7.66 29.89
CA SER A 364 -38.68 7.86 30.42
C SER A 364 -39.59 8.49 29.37
N VAL A 365 -40.45 7.65 28.78
CA VAL A 365 -41.30 8.07 27.68
C VAL A 365 -42.23 9.21 28.09
N LYS A 366 -42.34 10.20 27.21
CA LYS A 366 -43.27 11.31 27.37
C LYS A 366 -44.16 11.37 26.13
N LYS A 367 -45.11 12.29 26.13
CA LYS A 367 -46.01 12.47 24.99
C LYS A 367 -45.21 12.74 23.72
N GLU A 368 -44.15 13.52 23.86
CA GLU A 368 -43.35 13.95 22.72
C GLU A 368 -42.61 12.78 22.07
N ASP A 369 -42.28 11.76 22.86
CA ASP A 369 -41.43 10.69 22.39
C ASP A 369 -42.12 9.77 21.38
N LYS A 370 -43.44 9.89 21.25
CA LYS A 370 -44.17 9.06 20.32
C LYS A 370 -43.80 9.42 18.89
N GLY A 371 -43.87 8.44 17.99
CA GLY A 371 -43.60 8.68 16.58
C GLY A 371 -42.87 7.54 15.90
N MET A 372 -42.16 7.88 14.84
CA MET A 372 -41.42 6.89 14.05
C MET A 372 -39.94 7.03 14.36
N TYR A 373 -39.32 5.88 14.63
CA TYR A 373 -37.89 5.82 14.89
C TYR A 373 -37.20 5.01 13.81
N GLN A 374 -36.01 5.45 13.44
CA GLN A 374 -35.22 4.77 12.43
C GLN A 374 -33.78 4.60 12.89
N CYS A 375 -33.11 3.58 12.36
CA CYS A 375 -31.67 3.49 12.50
C CYS A 375 -31.04 3.29 11.13
N PHE A 376 -29.89 3.90 10.93
CA PHE A 376 -29.18 3.86 9.67
C PHE A 376 -27.82 3.20 9.84
N VAL A 377 -27.59 2.12 9.11
CA VAL A 377 -26.27 1.49 9.03
C VAL A 377 -25.68 1.84 7.68
N ARG A 378 -24.39 2.18 7.65
CA ARG A 378 -23.74 2.49 6.39
C ARG A 378 -22.22 2.48 6.45
N ASN A 379 -21.62 2.18 5.30
CA ASN A 379 -20.19 2.31 5.09
C ASN A 379 -19.94 3.30 3.95
N ASP A 380 -18.68 3.40 3.52
CA ASP A 380 -18.33 4.37 2.49
C ASP A 380 -18.99 4.07 1.14
N GLN A 381 -19.53 2.86 0.98
CA GLN A 381 -20.05 2.42 -0.31
C GLN A 381 -21.58 2.41 -0.39
N GLU A 382 -22.25 2.07 0.71
CA GLU A 382 -23.70 1.92 0.69
C GLU A 382 -24.34 2.25 2.04
N SER A 383 -25.67 2.18 2.08
CA SER A 383 -26.44 2.49 3.28
C SER A 383 -27.74 1.71 3.31
N ALA A 384 -28.27 1.50 4.52
CA ALA A 384 -29.54 0.80 4.70
C ALA A 384 -30.24 1.33 5.95
N GLU A 385 -31.56 1.23 5.96
CA GLU A 385 -32.36 1.75 7.07
C GLU A 385 -33.43 0.76 7.50
N ALA A 386 -33.88 0.93 8.75
CA ALA A 386 -35.00 0.18 9.28
C ALA A 386 -35.81 1.12 10.14
N SER A 387 -37.10 0.84 10.29
CA SER A 387 -38.00 1.72 11.02
C SER A 387 -38.82 0.98 12.06
N ALA A 388 -39.23 1.71 13.09
CA ALA A 388 -40.09 1.17 14.15
C ALA A 388 -40.95 2.31 14.69
N GLU A 389 -42.06 1.95 15.33
CA GLU A 389 -42.99 2.93 15.87
C GLU A 389 -43.13 2.81 17.38
N LEU A 390 -43.25 3.97 18.03
CA LEU A 390 -43.48 4.03 19.47
C LEU A 390 -44.82 4.70 19.76
N LYS A 391 -45.73 3.93 20.35
CA LYS A 391 -47.03 4.43 20.75
C LYS A 391 -47.06 4.66 22.26
N LEU A 392 -47.99 5.50 22.71
CA LEU A 392 -48.14 5.79 24.14
C LEU A 392 -49.24 4.93 24.73
N GLY A 393 -49.15 4.66 26.04
CA GLY A 393 -50.14 3.88 26.75
C GLY A 393 -50.93 4.70 27.75
N GLY B 1 50.31 -11.87 33.66
CA GLY B 1 49.92 -10.64 32.99
C GLY B 1 49.82 -9.47 33.96
N GLY B 2 48.90 -9.57 34.91
CA GLY B 2 48.66 -8.50 35.87
C GLY B 2 47.68 -7.48 35.33
N ALA B 3 47.91 -6.20 35.64
CA ALA B 3 47.12 -5.11 35.05
C ALA B 3 47.96 -4.42 33.94
N ASP B 4 47.69 -3.15 33.64
CA ASP B 4 48.17 -2.47 32.41
C ASP B 4 47.52 -3.05 31.14
N GLN B 5 47.19 -4.34 31.17
CA GLN B 5 46.43 -5.01 30.11
C GLN B 5 45.08 -4.36 29.98
N LYS B 6 44.64 -4.14 28.75
CA LYS B 6 43.34 -3.58 28.47
C LYS B 6 42.67 -4.49 27.47
N GLY B 7 41.36 -4.66 27.63
CA GLY B 7 40.60 -5.43 26.67
C GLY B 7 40.65 -4.77 25.30
N PRO B 8 40.32 -5.53 24.25
CA PRO B 8 40.40 -4.98 22.89
C PRO B 8 39.35 -3.90 22.63
N VAL B 9 39.72 -2.91 21.83
CA VAL B 9 38.79 -1.87 21.40
C VAL B 9 39.02 -1.61 19.90
N PHE B 10 37.94 -1.47 19.15
CA PHE B 10 38.02 -1.30 17.71
C PHE B 10 38.51 0.09 17.33
N LEU B 11 39.73 0.15 16.79
CA LEU B 11 40.30 1.40 16.32
C LEU B 11 39.56 1.82 15.05
N LYS B 12 39.31 0.84 14.19
CA LYS B 12 38.50 1.04 13.00
C LYS B 12 37.59 -0.17 12.80
N GLU B 13 36.29 0.04 12.96
CA GLU B 13 35.31 -1.02 12.83
C GLU B 13 34.81 -1.11 11.39
N PRO B 14 34.67 -2.35 10.85
CA PRO B 14 34.17 -2.50 9.48
C PRO B 14 32.81 -1.86 9.25
N THR B 15 32.54 -1.49 8.01
CA THR B 15 31.27 -0.85 7.64
C THR B 15 30.11 -1.83 7.79
N ASN B 16 28.92 -1.27 7.96
CA ASN B 16 27.72 -2.08 8.09
C ASN B 16 27.35 -2.78 6.79
N ARG B 17 27.71 -2.15 5.67
CA ARG B 17 27.34 -2.66 4.36
C ARG B 17 28.30 -2.17 3.28
N ILE B 18 28.80 -3.09 2.46
CA ILE B 18 29.65 -2.75 1.34
C ILE B 18 29.13 -3.43 0.09
N ASP B 19 28.51 -2.63 -0.77
CA ASP B 19 28.08 -3.08 -2.08
C ASP B 19 29.17 -2.76 -3.08
N PHE B 20 29.47 -3.69 -3.97
CA PHE B 20 30.50 -3.48 -4.97
C PHE B 20 30.27 -4.33 -6.20
N SER B 21 30.66 -3.78 -7.35
CA SER B 21 30.57 -4.50 -8.60
C SER B 21 31.60 -5.63 -8.64
N ASN B 22 31.30 -6.68 -9.37
CA ASN B 22 32.26 -7.75 -9.59
C ASN B 22 33.48 -7.24 -10.35
N SER B 23 33.34 -6.10 -11.01
CA SER B 23 34.41 -5.49 -11.79
C SER B 23 35.29 -4.58 -10.93
N THR B 24 34.84 -4.29 -9.72
CA THR B 24 35.56 -3.40 -8.81
C THR B 24 36.28 -4.19 -7.73
N GLY B 25 35.60 -5.19 -7.18
CA GLY B 25 36.08 -5.89 -6.01
C GLY B 25 35.88 -5.01 -4.79
N ALA B 26 36.39 -5.44 -3.64
CA ALA B 26 36.23 -4.66 -2.42
C ALA B 26 37.17 -5.13 -1.33
N GLU B 27 37.33 -4.29 -0.30
CA GLU B 27 38.11 -4.64 0.87
C GLU B 27 37.49 -3.99 2.10
N ILE B 28 37.27 -4.80 3.13
CA ILE B 28 36.78 -4.31 4.41
C ILE B 28 37.91 -4.46 5.41
N GLU B 29 38.03 -3.48 6.31
CA GLU B 29 39.19 -3.38 7.19
C GLU B 29 38.76 -3.44 8.65
N CYS B 30 39.59 -4.09 9.47
CA CYS B 30 39.36 -4.14 10.91
C CYS B 30 40.65 -3.85 11.66
N LYS B 31 40.57 -2.90 12.59
CA LYS B 31 41.71 -2.53 13.42
C LYS B 31 41.27 -2.49 14.88
N ALA B 32 42.06 -3.10 15.75
CA ALA B 32 41.77 -3.08 17.19
C ALA B 32 43.04 -2.88 18.00
N SER B 33 42.97 -1.95 18.94
CA SER B 33 44.07 -1.71 19.87
C SER B 33 43.85 -2.54 21.12
N GLY B 34 44.69 -2.31 22.14
CA GLY B 34 44.60 -3.03 23.40
C GLY B 34 45.96 -3.55 23.82
N ASN B 35 46.07 -3.93 25.08
CA ASN B 35 47.33 -4.43 25.65
C ASN B 35 47.16 -5.80 26.28
N PRO B 36 47.83 -6.84 25.73
CA PRO B 36 48.64 -6.85 24.51
C PRO B 36 47.79 -6.56 23.27
N MET B 37 48.44 -6.27 22.15
CA MET B 37 47.73 -6.04 20.90
C MET B 37 46.89 -7.26 20.55
N PRO B 38 45.59 -7.05 20.26
CA PRO B 38 44.71 -8.21 20.03
C PRO B 38 44.91 -8.84 18.67
N GLU B 39 44.42 -10.08 18.53
CA GLU B 39 44.43 -10.77 17.25
C GLU B 39 43.13 -10.50 16.51
N ILE B 40 43.23 -10.15 15.23
CA ILE B 40 42.06 -9.91 14.38
C ILE B 40 41.72 -11.17 13.59
N ILE B 41 40.49 -11.64 13.73
CA ILE B 41 40.02 -12.81 12.99
C ILE B 41 38.66 -12.52 12.37
N TRP B 42 38.58 -12.72 11.05
CA TRP B 42 37.30 -12.58 10.34
C TRP B 42 36.46 -13.84 10.50
N ILE B 43 35.19 -13.66 10.83
CA ILE B 43 34.28 -14.79 11.04
C ILE B 43 33.02 -14.65 10.18
N ARG B 44 32.42 -15.79 9.84
CA ARG B 44 31.19 -15.82 9.07
C ARG B 44 29.99 -15.51 9.96
N SER B 45 28.80 -15.61 9.40
CA SER B 45 27.58 -15.34 10.14
C SER B 45 27.34 -16.39 11.22
N ASP B 46 27.82 -17.61 10.99
CA ASP B 46 27.61 -18.72 11.92
C ASP B 46 28.69 -18.78 13.00
N GLY B 47 29.59 -17.79 13.00
CA GLY B 47 30.59 -17.66 14.05
C GLY B 47 31.92 -18.31 13.72
N THR B 48 31.96 -19.14 12.69
CA THR B 48 33.19 -19.84 12.32
C THR B 48 34.14 -18.90 11.58
N ALA B 49 35.42 -19.25 11.59
CA ALA B 49 36.45 -18.45 10.94
C ALA B 49 36.37 -18.59 9.42
N VAL B 50 36.51 -17.48 8.70
CA VAL B 50 36.40 -17.49 7.26
C VAL B 50 37.69 -18.06 6.66
N GLY B 51 37.53 -18.87 5.61
CA GLY B 51 38.67 -19.45 4.93
C GLY B 51 38.96 -18.73 3.63
N ASP B 52 40.22 -18.72 3.22
CA ASP B 52 40.60 -18.09 1.96
C ASP B 52 40.03 -18.86 0.79
N VAL B 53 39.45 -18.13 -0.15
CA VAL B 53 38.98 -18.69 -1.42
C VAL B 53 39.80 -18.07 -2.53
N PRO B 54 40.59 -18.90 -3.25
CA PRO B 54 41.48 -18.33 -4.28
C PRO B 54 40.73 -17.54 -5.35
N GLY B 55 41.04 -16.25 -5.45
CA GLY B 55 40.46 -15.40 -6.47
C GLY B 55 39.18 -14.70 -6.03
N LEU B 56 38.56 -15.19 -4.97
CA LEU B 56 37.27 -14.67 -4.52
C LEU B 56 37.33 -14.03 -3.14
N ARG B 57 38.05 -14.67 -2.22
CA ARG B 57 38.16 -14.16 -0.85
C ARG B 57 39.54 -14.47 -0.27
N GLN B 58 40.25 -13.42 0.13
N GLN B 58 40.24 -13.40 0.14
CA GLN B 58 41.62 -13.57 0.63
CA GLN B 58 41.61 -13.50 0.61
C GLN B 58 41.86 -12.70 1.86
C GLN B 58 41.82 -12.68 1.89
N ILE B 59 42.35 -13.33 2.92
CA ILE B 59 42.64 -12.64 4.17
C ILE B 59 44.01 -11.97 4.10
N SER B 60 44.00 -10.65 4.13
CA SER B 60 45.23 -9.86 4.17
C SER B 60 45.58 -9.54 5.63
N SER B 61 46.80 -9.90 6.02
CA SER B 61 47.21 -9.80 7.42
C SER B 61 47.32 -8.37 7.90
N ASP B 62 47.04 -7.43 7.02
CA ASP B 62 46.83 -6.07 7.47
C ASP B 62 45.51 -5.87 8.20
N GLY B 63 44.76 -6.94 8.46
CA GLY B 63 43.43 -6.81 9.00
C GLY B 63 42.32 -6.84 7.95
N LYS B 64 42.71 -6.65 6.69
CA LYS B 64 41.77 -6.54 5.57
C LYS B 64 41.24 -7.88 5.11
N LEU B 65 39.94 -7.94 4.82
CA LEU B 65 39.33 -9.06 4.14
C LEU B 65 39.02 -8.61 2.72
N VAL B 66 39.78 -9.14 1.76
CA VAL B 66 39.71 -8.68 0.38
C VAL B 66 38.82 -9.56 -0.48
N PHE B 67 38.01 -8.92 -1.32
CA PHE B 67 37.21 -9.60 -2.32
C PHE B 67 37.63 -9.11 -3.70
N PRO B 68 38.50 -9.88 -4.38
CA PRO B 68 39.01 -9.39 -5.66
C PRO B 68 37.93 -9.31 -6.73
N PRO B 69 38.16 -8.50 -7.78
CA PRO B 69 37.27 -8.53 -8.94
C PRO B 69 37.17 -9.94 -9.50
N PHE B 70 36.02 -10.27 -10.09
CA PHE B 70 35.78 -11.63 -10.56
C PHE B 70 34.76 -11.62 -11.69
N ARG B 71 34.75 -12.69 -12.50
CA ARG B 71 33.80 -12.80 -13.60
C ARG B 71 32.50 -13.40 -13.09
N ALA B 72 31.41 -13.17 -13.82
CA ALA B 72 30.07 -13.57 -13.40
C ALA B 72 29.96 -15.06 -13.12
N GLU B 73 30.74 -15.86 -13.84
CA GLU B 73 30.67 -17.32 -13.69
C GLU B 73 31.27 -17.78 -12.36
N ASP B 74 32.05 -16.91 -11.72
CA ASP B 74 32.72 -17.25 -10.47
C ASP B 74 31.99 -16.69 -9.24
N TYR B 75 30.75 -16.26 -9.43
CA TYR B 75 29.97 -15.71 -8.32
C TYR B 75 29.58 -16.82 -7.35
N ARG B 76 29.95 -16.64 -6.09
CA ARG B 76 29.65 -17.59 -5.02
C ARG B 76 28.81 -16.91 -3.93
N GLN B 77 27.60 -17.40 -3.73
CA GLN B 77 26.70 -16.84 -2.72
C GLN B 77 27.30 -17.00 -1.33
N GLU B 78 28.07 -18.06 -1.14
CA GLU B 78 28.74 -18.31 0.14
C GLU B 78 29.73 -17.20 0.47
N VAL B 79 30.33 -16.63 -0.57
CA VAL B 79 31.35 -15.61 -0.41
C VAL B 79 30.78 -14.20 -0.60
N HIS B 80 29.97 -14.04 -1.65
CA HIS B 80 29.59 -12.72 -2.13
C HIS B 80 28.27 -12.18 -1.58
N ALA B 81 27.43 -13.06 -1.05
CA ALA B 81 26.20 -12.65 -0.38
C ALA B 81 26.19 -13.15 1.05
N GLN B 82 27.01 -12.53 1.88
CA GLN B 82 27.30 -13.05 3.20
C GLN B 82 27.44 -11.91 4.21
N VAL B 83 27.09 -12.20 5.46
CA VAL B 83 27.33 -11.30 6.57
C VAL B 83 28.59 -11.73 7.31
N TYR B 84 29.60 -10.87 7.31
CA TYR B 84 30.85 -11.14 8.00
C TYR B 84 30.93 -10.33 9.28
N ALA B 85 31.92 -10.64 10.11
CA ALA B 85 32.18 -9.89 11.33
C ALA B 85 33.65 -10.02 11.70
N CYS B 86 34.15 -9.04 12.44
CA CYS B 86 35.54 -9.04 12.89
C CYS B 86 35.61 -9.40 14.37
N LEU B 87 36.33 -10.48 14.67
CA LEU B 87 36.58 -10.88 16.05
C LEU B 87 37.96 -10.39 16.47
N ALA B 88 38.01 -9.68 17.60
CA ALA B 88 39.26 -9.21 18.17
C ALA B 88 39.44 -9.77 19.57
N ARG B 89 40.60 -10.38 19.84
CA ARG B 89 40.85 -11.02 21.13
C ARG B 89 42.28 -10.88 21.64
N ASN B 90 42.39 -10.77 22.95
CA ASN B 90 43.66 -10.91 23.65
C ASN B 90 43.41 -11.69 24.93
N GLN B 91 44.46 -11.88 25.74
CA GLN B 91 44.37 -12.72 26.93
C GLN B 91 43.30 -12.25 27.90
N PHE B 92 42.98 -10.96 27.87
CA PHE B 92 41.97 -10.40 28.78
C PHE B 92 40.55 -10.78 28.35
N GLY B 93 40.28 -10.69 27.05
CA GLY B 93 38.96 -11.02 26.54
C GLY B 93 38.85 -10.86 25.03
N SER B 94 37.62 -10.92 24.52
CA SER B 94 37.40 -10.84 23.09
C SER B 94 36.08 -10.13 22.75
N ILE B 95 36.09 -9.36 21.66
CA ILE B 95 34.90 -8.65 21.19
C ILE B 95 34.62 -8.97 19.72
N ILE B 96 33.35 -8.86 19.34
CA ILE B 96 32.95 -9.09 17.96
C ILE B 96 32.33 -7.81 17.41
N SER B 97 32.67 -7.50 16.15
CA SER B 97 32.20 -6.28 15.52
C SER B 97 30.75 -6.39 15.09
N ARG B 98 30.18 -5.26 14.70
CA ARG B 98 28.86 -5.23 14.10
C ARG B 98 28.84 -6.02 12.80
N ASP B 99 27.66 -6.51 12.43
CA ASP B 99 27.47 -7.23 11.18
C ASP B 99 28.01 -6.44 9.99
N VAL B 100 28.67 -7.16 9.07
CA VAL B 100 29.22 -6.57 7.86
C VAL B 100 28.54 -7.16 6.64
N HIS B 101 27.50 -6.49 6.16
CA HIS B 101 26.73 -6.99 5.03
C HIS B 101 27.51 -6.81 3.73
N VAL B 102 28.16 -7.89 3.29
CA VAL B 102 28.91 -7.88 2.04
C VAL B 102 28.04 -8.36 0.88
N ARG B 103 27.92 -7.53 -0.14
CA ARG B 103 27.10 -7.86 -1.31
C ARG B 103 27.80 -7.51 -2.61
N ALA B 104 28.35 -8.52 -3.29
CA ALA B 104 28.91 -8.31 -4.64
C ALA B 104 27.78 -8.31 -5.65
N VAL B 105 27.87 -7.42 -6.63
CA VAL B 105 26.82 -7.23 -7.61
C VAL B 105 27.36 -7.42 -9.02
N VAL B 106 26.95 -8.52 -9.66
CA VAL B 106 27.35 -8.77 -11.04
C VAL B 106 26.73 -7.73 -11.96
N ALA B 107 27.57 -7.02 -12.70
CA ALA B 107 27.11 -5.98 -13.62
C ALA B 107 26.19 -6.57 -14.68
N GLN B 108 25.12 -5.86 -14.98
CA GLN B 108 24.14 -6.31 -15.98
C GLN B 108 23.62 -5.14 -16.80
N TYR B 109 23.39 -5.39 -18.09
CA TYR B 109 22.75 -4.41 -18.94
C TYR B 109 21.29 -4.28 -18.54
N TYR B 110 20.74 -3.08 -18.67
CA TYR B 110 19.36 -2.83 -18.29
C TYR B 110 18.85 -1.59 -19.02
N GLU B 111 17.52 -1.48 -19.14
CA GLU B 111 16.89 -0.32 -19.77
C GLU B 111 15.74 0.19 -18.93
N ALA B 112 15.85 1.44 -18.50
CA ALA B 112 14.74 2.14 -17.86
C ALA B 112 13.64 2.39 -18.89
N ASP B 113 12.42 2.62 -18.42
CA ASP B 113 11.29 2.85 -19.30
C ASP B 113 10.33 3.88 -18.73
N VAL B 114 9.58 4.52 -19.62
CA VAL B 114 8.57 5.49 -19.25
C VAL B 114 7.31 5.26 -20.08
N ASN B 115 6.18 5.09 -19.40
CA ASN B 115 4.91 4.83 -20.07
C ASN B 115 4.03 6.07 -20.15
N LYS B 116 2.96 5.98 -20.94
CA LYS B 116 2.02 7.07 -21.10
C LYS B 116 1.30 7.34 -19.78
N GLU B 117 1.31 8.60 -19.37
CA GLU B 117 0.61 9.03 -18.17
C GLU B 117 -0.73 9.66 -18.53
N HIS B 118 -1.81 9.01 -18.12
CA HIS B 118 -3.16 9.50 -18.38
C HIS B 118 -3.63 10.45 -17.28
N VAL B 119 -4.08 11.63 -17.68
CA VAL B 119 -4.45 12.67 -16.73
C VAL B 119 -5.63 13.48 -17.24
N ILE B 120 -6.49 13.90 -16.31
CA ILE B 120 -7.60 14.79 -16.64
C ILE B 120 -7.11 16.24 -16.66
N ARG B 121 -7.58 17.02 -17.64
CA ARG B 121 -7.18 18.42 -17.75
C ARG B 121 -7.32 19.15 -16.43
N GLY B 122 -6.29 19.91 -16.06
CA GLY B 122 -6.30 20.69 -14.83
C GLY B 122 -5.66 19.98 -13.67
N ASN B 123 -5.69 18.65 -13.68
CA ASN B 123 -5.08 17.86 -12.60
C ASN B 123 -3.57 17.81 -12.75
N SER B 124 -2.90 17.44 -11.66
CA SER B 124 -1.44 17.31 -11.69
C SER B 124 -1.06 15.93 -12.22
N ALA B 125 0.09 15.87 -12.89
CA ALA B 125 0.60 14.62 -13.45
C ALA B 125 1.86 14.20 -12.70
N VAL B 126 2.09 12.89 -12.69
CA VAL B 126 3.28 12.31 -12.08
C VAL B 126 3.86 11.26 -13.03
N ILE B 127 5.02 11.55 -13.61
CA ILE B 127 5.66 10.65 -14.56
C ILE B 127 6.75 9.82 -13.86
N LYS B 128 6.61 8.49 -13.94
CA LYS B 128 7.52 7.59 -13.24
C LYS B 128 8.56 6.99 -14.16
N CYS B 129 9.81 7.00 -13.70
CA CYS B 129 10.89 6.30 -14.37
C CYS B 129 10.87 4.85 -13.92
N LEU B 130 10.48 3.95 -14.82
CA LEU B 130 10.35 2.53 -14.49
C LEU B 130 11.71 1.84 -14.57
N ILE B 131 12.31 1.59 -13.41
CA ILE B 131 13.60 0.93 -13.33
C ILE B 131 13.41 -0.56 -13.04
N PRO B 132 14.08 -1.44 -13.82
CA PRO B 132 13.97 -2.88 -13.56
C PRO B 132 14.30 -3.25 -12.11
N SER B 133 13.56 -4.20 -11.55
CA SER B 133 13.69 -4.55 -10.14
C SER B 133 15.07 -5.07 -9.78
N PHE B 134 15.74 -5.73 -10.73
CA PHE B 134 17.02 -6.36 -10.46
C PHE B 134 18.19 -5.36 -10.46
N VAL B 135 17.88 -4.08 -10.63
CA VAL B 135 18.88 -3.02 -10.50
C VAL B 135 18.34 -1.84 -9.70
N ALA B 136 17.10 -1.97 -9.22
CA ALA B 136 16.43 -0.87 -8.53
C ALA B 136 17.17 -0.46 -7.25
N ASP B 137 17.96 -1.37 -6.71
CA ASP B 137 18.69 -1.12 -5.47
C ASP B 137 19.91 -0.21 -5.69
N PHE B 138 20.26 0.02 -6.96
CA PHE B 138 21.47 0.76 -7.30
C PHE B 138 21.23 1.90 -8.30
N VAL B 139 20.13 1.81 -9.04
CA VAL B 139 19.80 2.80 -10.07
C VAL B 139 18.81 3.84 -9.56
N GLU B 140 19.19 5.11 -9.65
CA GLU B 140 18.37 6.22 -9.18
C GLU B 140 18.11 7.21 -10.32
N VAL B 141 17.05 7.99 -10.19
CA VAL B 141 16.73 9.01 -11.18
C VAL B 141 17.56 10.26 -10.89
N VAL B 142 18.35 10.67 -11.89
CA VAL B 142 19.19 11.86 -11.77
C VAL B 142 18.45 13.09 -12.29
N SER B 143 17.81 12.93 -13.43
CA SER B 143 17.13 14.04 -14.09
C SER B 143 16.17 13.54 -15.17
N TRP B 144 15.37 14.45 -15.71
CA TRP B 144 14.44 14.13 -16.79
C TRP B 144 14.79 14.92 -18.05
N HIS B 145 14.50 14.31 -19.19
CA HIS B 145 14.82 14.91 -20.48
C HIS B 145 13.61 14.89 -21.40
N THR B 146 13.46 15.94 -22.20
CA THR B 146 12.37 16.04 -23.17
C THR B 146 12.91 16.06 -24.58
N ASP B 147 12.08 15.67 -25.54
CA ASP B 147 12.46 15.70 -26.95
C ASP B 147 12.59 17.14 -27.44
N GLU B 148 12.16 18.10 -26.62
CA GLU B 148 12.36 19.52 -26.90
C GLU B 148 13.70 20.01 -26.36
N GLU B 149 14.54 19.06 -25.95
CA GLU B 149 15.86 19.35 -25.41
C GLU B 149 15.77 20.17 -24.12
N GLU B 150 14.74 19.89 -23.33
CA GLU B 150 14.58 20.48 -22.01
C GLU B 150 15.03 19.49 -20.95
N ASN B 151 15.63 20.00 -19.87
CA ASN B 151 16.14 19.15 -18.81
C ASN B 151 15.78 19.68 -17.42
N TYR B 152 15.33 18.77 -16.56
CA TYR B 152 14.91 19.14 -15.20
C TYR B 152 15.69 18.34 -14.17
N PHE B 153 16.13 19.02 -13.12
CA PHE B 153 16.93 18.41 -12.06
C PHE B 153 16.28 18.60 -10.70
N PRO B 154 16.64 17.75 -9.72
CA PRO B 154 16.16 17.95 -8.34
C PRO B 154 16.64 19.27 -7.77
N GLY B 155 15.74 20.01 -7.12
CA GLY B 155 16.08 21.29 -6.52
C GLY B 155 14.87 22.18 -6.32
N ALA B 156 14.58 22.99 -7.34
CA ALA B 156 13.45 23.92 -7.28
C ALA B 156 12.53 23.70 -8.48
N GLU B 157 11.32 24.24 -8.37
CA GLU B 157 10.32 24.09 -9.42
C GLU B 157 10.64 25.01 -10.61
N TYR B 158 10.44 24.48 -11.81
CA TYR B 158 10.68 25.24 -13.03
C TYR B 158 9.40 25.93 -13.50
N ASP B 159 9.43 27.26 -13.54
CA ASP B 159 8.29 28.05 -14.01
C ASP B 159 7.04 27.80 -13.17
N GLY B 160 7.23 27.27 -11.97
CA GLY B 160 6.11 26.93 -11.10
C GLY B 160 5.19 25.92 -11.76
N LYS B 161 5.78 24.92 -12.42
CA LYS B 161 5.00 23.89 -13.09
C LYS B 161 5.69 22.53 -13.02
N TYR B 162 6.97 22.49 -13.38
CA TYR B 162 7.74 21.25 -13.41
C TYR B 162 8.62 21.12 -12.17
N LEU B 163 8.51 19.99 -11.49
CA LEU B 163 9.31 19.71 -10.30
C LEU B 163 9.71 18.23 -10.25
N VAL B 164 11.01 17.99 -10.16
CA VAL B 164 11.53 16.64 -9.96
C VAL B 164 11.50 16.31 -8.47
N LEU B 165 10.62 15.39 -8.10
CA LEU B 165 10.46 15.03 -6.69
C LEU B 165 11.69 14.29 -6.18
N PRO B 166 11.94 14.33 -4.85
CA PRO B 166 13.06 13.60 -4.27
C PRO B 166 13.00 12.11 -4.57
N SER B 167 11.78 11.58 -4.69
CA SER B 167 11.59 10.15 -4.93
C SER B 167 11.81 9.78 -6.40
N GLY B 168 12.11 10.78 -7.23
CA GLY B 168 12.51 10.53 -8.60
C GLY B 168 11.45 10.78 -9.65
N GLU B 169 10.21 10.97 -9.23
CA GLU B 169 9.12 11.23 -10.18
C GLU B 169 9.10 12.70 -10.62
N LEU B 170 8.67 12.93 -11.86
CA LEU B 170 8.53 14.28 -12.37
C LEU B 170 7.09 14.76 -12.20
N HIS B 171 6.93 15.77 -11.34
CA HIS B 171 5.61 16.32 -11.02
C HIS B 171 5.28 17.48 -11.95
N ILE B 172 4.08 17.44 -12.53
CA ILE B 172 3.60 18.51 -13.41
C ILE B 172 2.20 18.95 -13.01
N ARG B 173 2.04 20.23 -12.70
CA ARG B 173 0.74 20.75 -12.25
C ARG B 173 -0.04 21.32 -13.42
N GLU B 174 -1.36 21.43 -13.23
CA GLU B 174 -2.28 22.01 -14.20
C GLU B 174 -1.97 21.60 -15.63
N VAL B 175 -2.20 20.33 -15.93
CA VAL B 175 -1.90 19.80 -17.25
C VAL B 175 -2.97 20.22 -18.25
N GLY B 176 -2.52 20.69 -19.41
CA GLY B 176 -3.41 21.04 -20.51
C GLY B 176 -2.95 20.32 -21.76
N PRO B 177 -3.77 20.38 -22.82
CA PRO B 177 -3.48 19.72 -24.11
C PRO B 177 -2.05 19.98 -24.60
N GLU B 178 -1.60 21.22 -24.47
CA GLU B 178 -0.29 21.61 -24.99
C GLU B 178 0.85 20.88 -24.29
N ASP B 179 0.61 20.41 -23.07
CA ASP B 179 1.63 19.69 -22.32
C ASP B 179 1.86 18.29 -22.89
N GLY B 180 0.89 17.80 -23.65
CA GLY B 180 1.00 16.51 -24.29
C GLY B 180 1.73 16.58 -25.63
N TYR B 181 2.34 17.72 -25.92
CA TYR B 181 3.03 17.92 -27.18
C TYR B 181 4.50 17.50 -27.12
N LYS B 182 4.93 17.08 -25.95
CA LYS B 182 6.31 16.64 -25.74
C LYS B 182 6.35 15.29 -25.04
N SER B 183 7.45 14.58 -25.21
CA SER B 183 7.65 13.28 -24.57
C SER B 183 8.76 13.38 -23.53
N TYR B 184 8.64 12.57 -22.47
CA TYR B 184 9.58 12.62 -21.35
C TYR B 184 10.36 11.32 -21.20
N GLN B 185 11.66 11.45 -21.01
CA GLN B 185 12.53 10.31 -20.73
C GLN B 185 13.48 10.65 -19.59
N CYS B 186 13.68 9.70 -18.69
CA CYS B 186 14.48 9.93 -17.49
C CYS B 186 15.95 9.54 -17.68
N ARG B 187 16.83 10.31 -17.06
CA ARG B 187 18.25 9.98 -17.00
C ARG B 187 18.56 9.33 -15.66
N THR B 188 18.93 8.05 -15.69
CA THR B 188 19.24 7.32 -14.47
C THR B 188 20.75 7.10 -14.34
N LYS B 189 21.20 6.89 -13.10
CA LYS B 189 22.62 6.67 -12.80
C LYS B 189 22.82 5.50 -11.85
N HIS B 190 23.71 4.59 -12.22
CA HIS B 190 24.11 3.47 -11.38
C HIS B 190 25.11 3.97 -10.34
N ARG B 191 24.82 3.75 -9.06
CA ARG B 191 25.63 4.35 -8.00
C ARG B 191 26.94 3.59 -7.76
N LEU B 192 27.00 2.34 -8.19
CA LEU B 192 28.24 1.56 -8.08
C LEU B 192 29.22 1.96 -9.17
N THR B 193 28.82 1.76 -10.43
CA THR B 193 29.69 2.03 -11.57
C THR B 193 29.79 3.54 -11.84
N GLY B 194 28.68 4.25 -11.70
CA GLY B 194 28.67 5.69 -11.86
C GLY B 194 28.23 6.17 -13.23
N GLU B 195 27.89 5.23 -14.11
CA GLU B 195 27.47 5.58 -15.46
C GLU B 195 26.07 6.18 -15.44
N THR B 196 25.74 6.95 -16.48
CA THR B 196 24.40 7.49 -16.65
C THR B 196 23.73 6.84 -17.85
N ARG B 197 22.41 6.93 -17.91
CA ARG B 197 21.66 6.27 -18.98
C ARG B 197 20.29 6.90 -19.19
N LEU B 198 19.94 7.11 -20.46
CA LEU B 198 18.60 7.58 -20.84
C LEU B 198 17.67 6.39 -21.05
N SER B 199 16.42 6.55 -20.62
CA SER B 199 15.44 5.46 -20.75
C SER B 199 15.25 5.11 -22.22
N ALA B 200 15.09 3.82 -22.50
CA ALA B 200 14.96 3.33 -23.86
C ALA B 200 13.70 3.85 -24.54
N THR B 201 12.70 4.21 -23.75
CA THR B 201 11.42 4.68 -24.28
C THR B 201 11.01 6.02 -23.66
N LYS B 202 10.24 6.79 -24.42
CA LYS B 202 9.73 8.07 -23.96
C LYS B 202 8.29 7.94 -23.48
N GLY B 203 7.87 8.88 -22.64
CA GLY B 203 6.52 8.90 -22.11
C GLY B 203 5.87 10.23 -22.36
N ARG B 204 4.61 10.21 -22.80
CA ARG B 204 3.86 11.42 -23.07
C ARG B 204 2.61 11.47 -22.20
N LEU B 205 2.11 12.68 -21.98
CA LEU B 205 0.87 12.88 -21.26
C LEU B 205 -0.32 12.69 -22.19
N VAL B 206 -1.24 11.81 -21.80
CA VAL B 206 -2.48 11.60 -22.53
C VAL B 206 -3.60 12.35 -21.81
N ILE B 207 -3.87 13.56 -22.27
CA ILE B 207 -4.86 14.42 -21.60
C ILE B 207 -6.27 14.05 -22.03
N THR B 208 -7.13 13.86 -21.03
CA THR B 208 -8.55 13.65 -21.25
C THR B 208 -9.27 14.94 -20.94
N GLU B 209 -10.38 15.16 -21.65
CA GLU B 209 -11.20 16.36 -21.45
C GLU B 209 -12.62 15.93 -21.09
N PRO B 210 -12.83 15.51 -19.84
CA PRO B 210 -14.13 14.98 -19.42
C PRO B 210 -15.26 16.00 -19.49
N VAL B 211 -16.44 15.52 -19.85
CA VAL B 211 -17.66 16.31 -19.79
C VAL B 211 -18.50 15.76 -18.64
N GLY B 212 -19.20 16.65 -17.95
CA GLY B 212 -19.91 16.28 -16.74
C GLY B 212 -18.96 16.40 -15.56
N SER B 213 -19.18 15.60 -14.53
CA SER B 213 -18.34 15.63 -13.34
C SER B 213 -17.94 14.23 -12.90
N VAL B 214 -16.66 14.07 -12.53
CA VAL B 214 -16.13 12.78 -12.10
C VAL B 214 -15.46 12.92 -10.73
N ARG B 215 -15.62 11.90 -9.91
CA ARG B 215 -15.14 11.92 -8.53
C ARG B 215 -13.65 11.64 -8.44
N PRO B 216 -13.02 12.02 -7.31
CA PRO B 216 -11.63 11.65 -7.08
C PRO B 216 -11.44 10.14 -7.09
N LYS B 217 -10.66 9.65 -8.05
CA LYS B 217 -10.32 8.24 -8.14
C LYS B 217 -8.83 8.05 -7.90
N VAL B 218 -8.50 7.12 -7.01
CA VAL B 218 -7.12 6.70 -6.80
C VAL B 218 -6.99 5.24 -7.23
N ASN B 219 -5.91 4.93 -7.93
CA ASN B 219 -5.63 3.55 -8.32
C ASN B 219 -5.47 2.68 -7.08
N PRO B 220 -6.05 1.46 -7.09
CA PRO B 220 -5.94 0.59 -5.91
C PRO B 220 -4.49 0.38 -5.45
N GLN B 221 -3.55 0.50 -6.38
CA GLN B 221 -2.14 0.31 -6.08
C GLN B 221 -1.52 1.55 -5.44
N ASP B 222 -2.32 2.62 -5.33
CA ASP B 222 -1.85 3.89 -4.79
C ASP B 222 -2.58 4.29 -3.51
N LYS B 223 -3.57 3.50 -3.10
CA LYS B 223 -4.35 3.80 -1.92
C LYS B 223 -3.54 3.62 -0.63
N HIS B 224 -2.59 2.71 -0.66
CA HIS B 224 -1.73 2.43 0.49
C HIS B 224 -0.27 2.55 0.13
N GLN B 225 0.41 3.53 0.72
CA GLN B 225 1.82 3.76 0.47
C GLN B 225 2.66 3.33 1.65
N PHE B 226 3.87 2.86 1.37
CA PHE B 226 4.82 2.45 2.40
C PHE B 226 6.20 2.97 2.04
N ILE B 227 6.60 4.06 2.71
CA ILE B 227 7.81 4.80 2.35
C ILE B 227 8.88 4.69 3.43
N ASP B 228 10.14 4.65 3.00
CA ASP B 228 11.29 4.62 3.89
C ASP B 228 12.32 5.64 3.45
N VAL B 229 12.88 6.34 4.43
CA VAL B 229 13.90 7.37 4.18
C VAL B 229 14.66 7.60 5.47
N GLU B 230 15.95 7.90 5.36
CA GLU B 230 16.78 8.05 6.56
C GLU B 230 16.91 9.51 6.98
N LEU B 231 17.60 9.73 8.09
CA LEU B 231 17.77 11.07 8.66
C LEU B 231 18.36 12.07 7.69
N ALA B 232 17.96 13.32 7.84
CA ALA B 232 18.53 14.44 7.09
C ALA B 232 18.37 14.30 5.58
N SER B 233 17.47 13.42 5.15
CA SER B 233 17.21 13.22 3.73
C SER B 233 15.90 13.88 3.32
N SER B 234 15.87 14.44 2.11
CA SER B 234 14.65 15.00 1.56
C SER B 234 13.81 13.86 1.00
N TYR B 235 12.49 13.96 1.17
CA TYR B 235 11.58 12.95 0.66
C TYR B 235 10.24 13.56 0.31
N SER B 236 9.38 12.76 -0.35
CA SER B 236 8.07 13.22 -0.77
C SER B 236 7.01 12.13 -0.63
N LEU B 237 5.81 12.53 -0.24
CA LEU B 237 4.68 11.61 -0.10
C LEU B 237 3.62 11.90 -1.16
N LEU B 238 3.47 10.96 -2.09
CA LEU B 238 2.53 11.11 -3.18
C LEU B 238 1.09 10.88 -2.71
N CYS B 239 0.16 11.51 -3.40
CA CYS B 239 -1.27 11.33 -3.14
C CYS B 239 -2.00 11.39 -4.48
N MET B 240 -1.60 10.51 -5.38
CA MET B 240 -2.06 10.55 -6.77
C MET B 240 -3.55 10.27 -6.91
N ALA B 241 -4.30 11.26 -7.38
CA ALA B 241 -5.73 11.14 -7.60
C ALA B 241 -6.17 12.05 -8.74
N GLN B 242 -7.21 11.62 -9.45
CA GLN B 242 -7.72 12.33 -10.62
C GLN B 242 -9.20 12.66 -10.43
N SER B 243 -9.59 13.87 -10.83
CA SER B 243 -10.99 14.27 -10.76
C SER B 243 -11.28 15.49 -11.64
N TYR B 244 -12.56 15.79 -11.81
CA TYR B 244 -13.01 16.97 -12.53
C TYR B 244 -14.31 17.47 -11.90
N PRO B 245 -14.32 18.70 -11.35
CA PRO B 245 -13.24 19.70 -11.33
C PRO B 245 -12.01 19.27 -10.53
N THR B 246 -10.91 19.98 -10.72
CA THR B 246 -9.64 19.69 -10.07
C THR B 246 -9.81 19.56 -8.56
N PRO B 247 -9.17 18.56 -7.95
CA PRO B 247 -9.40 18.33 -6.52
C PRO B 247 -8.46 19.12 -5.61
N SER B 248 -8.84 19.25 -4.35
CA SER B 248 -7.97 19.82 -3.32
C SER B 248 -7.38 18.67 -2.49
N PHE B 249 -6.30 18.96 -1.75
CA PHE B 249 -5.59 17.94 -0.99
C PHE B 249 -5.26 18.40 0.43
N ARG B 250 -5.73 17.64 1.42
CA ARG B 250 -5.47 17.93 2.82
C ARG B 250 -4.78 16.73 3.49
N TRP B 251 -3.64 17.00 4.13
CA TRP B 251 -2.86 15.95 4.78
C TRP B 251 -3.07 15.92 6.29
N TYR B 252 -3.09 14.72 6.85
CA TYR B 252 -3.26 14.54 8.29
C TYR B 252 -2.26 13.50 8.79
N LYS B 253 -2.14 13.39 10.11
CA LYS B 253 -1.30 12.38 10.73
C LYS B 253 -2.04 11.74 11.88
N PHE B 254 -2.17 10.42 11.83
CA PHE B 254 -2.87 9.68 12.88
C PHE B 254 -2.10 9.70 14.19
N ILE B 255 -2.83 9.69 15.29
CA ILE B 255 -2.24 9.49 16.60
C ILE B 255 -1.96 8.00 16.74
N GLU B 256 -0.74 7.66 17.16
CA GLU B 256 -0.29 6.28 17.20
C GLU B 256 -1.26 5.39 17.97
N GLY B 257 -1.74 4.34 17.31
CA GLY B 257 -2.58 3.34 17.93
C GLY B 257 -4.05 3.72 18.00
N THR B 258 -4.42 4.83 17.35
CA THR B 258 -5.79 5.31 17.35
C THR B 258 -6.24 5.73 15.96
N THR B 259 -7.54 5.88 15.79
CA THR B 259 -8.12 6.34 14.54
C THR B 259 -8.18 7.87 14.49
N ARG B 260 -7.91 8.50 15.62
CA ARG B 260 -7.88 9.96 15.68
C ARG B 260 -6.68 10.49 14.92
N LYS B 261 -6.85 11.65 14.28
CA LYS B 261 -5.80 12.25 13.46
C LYS B 261 -5.68 13.74 13.75
N GLN B 262 -4.62 14.34 13.22
CA GLN B 262 -4.34 15.75 13.39
C GLN B 262 -3.79 16.33 12.10
N ALA B 263 -4.21 17.55 11.78
CA ALA B 263 -3.80 18.20 10.54
C ALA B 263 -2.29 18.40 10.49
N VAL B 264 -1.71 18.14 9.32
CA VAL B 264 -0.28 18.35 9.13
C VAL B 264 0.03 19.84 9.08
N VAL B 265 1.09 20.23 9.79
CA VAL B 265 1.50 21.62 9.85
C VAL B 265 2.45 21.94 8.71
N LEU B 266 2.11 22.95 7.91
CA LEU B 266 2.97 23.39 6.81
C LEU B 266 3.91 24.49 7.29
N ASN B 267 5.15 24.45 6.81
CA ASN B 267 6.16 25.42 7.24
C ASN B 267 7.35 25.43 6.28
N ASP B 268 8.51 25.87 6.78
CA ASP B 268 9.72 25.94 5.96
C ASP B 268 10.23 24.55 5.57
N ARG B 269 10.11 23.60 6.51
CA ARG B 269 10.61 22.25 6.30
C ARG B 269 9.60 21.37 5.57
N VAL B 270 8.33 21.56 5.88
CA VAL B 270 7.25 20.75 5.31
C VAL B 270 6.35 21.59 4.41
N LYS B 271 6.59 21.51 3.10
CA LYS B 271 5.81 22.26 2.13
C LYS B 271 4.98 21.32 1.27
N GLN B 272 3.90 21.85 0.70
CA GLN B 272 2.96 21.06 -0.10
C GLN B 272 2.89 21.58 -1.53
N VAL B 273 2.94 20.64 -2.49
CA VAL B 273 2.80 20.95 -3.91
C VAL B 273 1.63 20.15 -4.48
N SER B 274 0.52 20.83 -4.74
CA SER B 274 -0.72 20.18 -5.15
C SER B 274 -1.14 19.16 -4.10
N GLY B 275 -0.97 17.88 -4.41
CA GLY B 275 -1.28 16.81 -3.48
C GLY B 275 -0.04 16.15 -2.93
N THR B 276 1.12 16.61 -3.38
CA THR B 276 2.40 16.05 -2.96
C THR B 276 2.98 16.81 -1.79
N LEU B 277 3.28 16.08 -0.72
CA LEU B 277 3.91 16.65 0.46
C LEU B 277 5.43 16.52 0.33
N ILE B 278 6.15 17.62 0.49
CA ILE B 278 7.60 17.64 0.32
C ILE B 278 8.29 18.06 1.61
N ILE B 279 9.19 17.23 2.10
CA ILE B 279 9.93 17.51 3.33
C ILE B 279 11.42 17.64 3.02
N LYS B 280 12.01 18.77 3.41
CA LYS B 280 13.39 19.08 3.07
C LYS B 280 14.37 18.24 3.91
N ASP B 281 13.98 17.97 5.15
CA ASP B 281 14.84 17.24 6.08
C ASP B 281 14.02 16.33 6.97
N ALA B 282 14.40 15.05 6.99
CA ALA B 282 13.65 14.05 7.74
C ALA B 282 14.17 13.91 9.16
N VAL B 283 13.26 13.98 10.12
CA VAL B 283 13.56 13.68 11.53
C VAL B 283 12.75 12.46 11.96
N VAL B 284 13.29 11.68 12.90
CA VAL B 284 12.64 10.45 13.35
C VAL B 284 11.23 10.75 13.85
N GLU B 285 11.02 11.99 14.28
CA GLU B 285 9.71 12.43 14.74
C GLU B 285 8.65 12.33 13.63
N ASP B 286 9.09 12.38 12.37
CA ASP B 286 8.16 12.35 11.24
C ASP B 286 7.47 10.99 11.08
N SER B 287 8.08 9.94 11.61
CA SER B 287 7.56 8.58 11.46
C SER B 287 6.13 8.46 11.99
N GLY B 288 5.31 7.68 11.30
CA GLY B 288 3.93 7.45 11.70
C GLY B 288 3.05 7.16 10.50
N LYS B 289 1.73 7.12 10.73
CA LYS B 289 0.77 6.88 9.67
C LYS B 289 0.09 8.19 9.25
N TYR B 290 0.14 8.47 7.95
CA TYR B 290 -0.43 9.69 7.40
C TYR B 290 -1.70 9.42 6.59
N LEU B 291 -2.53 10.44 6.47
CA LEU B 291 -3.74 10.39 5.65
C LEU B 291 -3.80 11.60 4.73
N CYS B 292 -3.99 11.34 3.44
CA CYS B 292 -4.18 12.40 2.46
C CYS B 292 -5.60 12.35 1.93
N VAL B 293 -6.42 13.31 2.34
CA VAL B 293 -7.80 13.39 1.87
C VAL B 293 -7.89 14.29 0.64
N VAL B 294 -8.42 13.74 -0.44
CA VAL B 294 -8.59 14.47 -1.69
C VAL B 294 -10.06 14.80 -1.88
N ASN B 295 -10.34 15.99 -2.42
CA ASN B 295 -11.71 16.52 -2.47
C ASN B 295 -12.06 17.27 -3.74
N ASN B 296 -13.25 17.02 -4.25
CA ASN B 296 -13.88 17.89 -5.24
C ASN B 296 -15.37 18.02 -4.91
N SER B 297 -16.09 18.81 -5.68
CA SER B 297 -17.47 19.15 -5.35
C SER B 297 -18.47 17.99 -5.48
N VAL B 298 -17.98 16.82 -5.92
CA VAL B 298 -18.84 15.68 -6.17
C VAL B 298 -18.63 14.54 -5.17
N GLY B 299 -17.38 14.36 -4.74
CA GLY B 299 -17.06 13.29 -3.82
C GLY B 299 -15.69 13.43 -3.21
N GLY B 300 -15.27 12.41 -2.46
CA GLY B 300 -13.98 12.42 -1.79
C GLY B 300 -13.31 11.06 -1.83
N GLU B 301 -12.03 11.04 -1.47
CA GLU B 301 -11.22 9.83 -1.47
C GLU B 301 -10.03 10.07 -0.55
N SER B 302 -9.28 9.01 -0.22
CA SER B 302 -8.14 9.17 0.68
C SER B 302 -7.01 8.18 0.40
N VAL B 303 -5.80 8.57 0.81
CA VAL B 303 -4.60 7.75 0.66
C VAL B 303 -3.88 7.61 2.00
N GLU B 304 -3.66 6.38 2.44
CA GLU B 304 -2.91 6.10 3.66
C GLU B 304 -1.43 5.87 3.35
N THR B 305 -0.56 6.43 4.19
CA THR B 305 0.87 6.29 4.03
C THR B 305 1.55 5.98 5.37
N VAL B 306 2.33 4.90 5.37
CA VAL B 306 3.14 4.55 6.52
C VAL B 306 4.55 5.04 6.25
N LEU B 307 4.98 6.06 7.00
CA LEU B 307 6.31 6.62 6.88
C LEU B 307 7.22 6.09 7.99
N THR B 308 8.39 5.62 7.60
CA THR B 308 9.40 5.16 8.55
C THR B 308 10.69 5.94 8.32
N VAL B 309 11.13 6.66 9.35
CA VAL B 309 12.37 7.40 9.27
C VAL B 309 13.49 6.61 9.93
N THR B 310 14.27 5.89 9.12
CA THR B 310 15.36 5.10 9.64
C THR B 310 16.52 5.99 10.10
N ALA B 311 17.22 5.56 11.15
CA ALA B 311 18.36 6.31 11.66
C ALA B 311 19.50 5.36 11.97
N PRO B 312 20.75 5.77 11.67
CA PRO B 312 21.92 4.92 11.97
C PRO B 312 21.94 4.43 13.41
N LEU B 313 22.14 3.13 13.60
CA LEU B 313 22.19 2.57 14.94
C LEU B 313 23.55 2.83 15.59
N SER B 314 23.52 3.26 16.83
CA SER B 314 24.74 3.46 17.63
C SER B 314 24.52 2.94 19.03
N ALA B 315 25.60 2.69 19.76
CA ALA B 315 25.48 2.16 21.11
C ALA B 315 26.75 2.36 21.92
N LYS B 316 26.57 2.56 23.23
CA LYS B 316 27.69 2.59 24.16
C LYS B 316 27.21 2.08 25.52
N ILE B 317 28.12 1.41 26.24
CA ILE B 317 27.80 0.83 27.54
C ILE B 317 28.33 1.71 28.67
N ASP B 318 27.55 1.82 29.73
CA ASP B 318 27.94 2.55 30.93
C ASP B 318 28.05 1.59 32.11
N PRO B 319 29.23 1.52 32.75
CA PRO B 319 30.49 2.22 32.48
C PRO B 319 31.36 1.52 31.44
N PRO B 320 32.26 2.25 30.76
CA PRO B 320 33.17 1.63 29.79
C PRO B 320 34.07 0.59 30.44
N THR B 321 34.36 0.78 31.73
CA THR B 321 35.17 -0.17 32.49
C THR B 321 34.79 -0.10 33.96
N GLN B 322 34.82 -1.24 34.63
CA GLN B 322 34.51 -1.29 36.05
C GLN B 322 35.27 -2.42 36.73
N THR B 323 35.73 -2.15 37.95
CA THR B 323 36.39 -3.15 38.79
C THR B 323 35.55 -3.37 40.04
N VAL B 324 34.99 -4.57 40.18
CA VAL B 324 34.15 -4.90 41.32
C VAL B 324 34.74 -6.06 42.11
N ASP B 325 34.51 -6.06 43.41
CA ASP B 325 35.03 -7.10 44.30
C ASP B 325 34.24 -8.39 44.15
N PHE B 326 34.84 -9.50 44.56
CA PHE B 326 34.17 -10.80 44.50
C PHE B 326 32.95 -10.78 45.42
N GLY B 327 31.83 -11.29 44.93
CA GLY B 327 30.60 -11.32 45.69
C GLY B 327 29.71 -10.13 45.40
N ARG B 328 30.33 -9.01 45.03
CA ARG B 328 29.59 -7.79 44.73
C ARG B 328 29.01 -7.84 43.32
N PRO B 329 27.88 -7.16 43.09
CA PRO B 329 27.20 -7.22 41.79
C PRO B 329 27.85 -6.33 40.73
N ALA B 330 27.74 -6.74 39.48
CA ALA B 330 28.24 -5.96 38.36
C ALA B 330 27.07 -5.53 37.47
N VAL B 331 27.06 -4.25 37.08
CA VAL B 331 25.97 -3.70 36.27
C VAL B 331 26.48 -3.11 34.96
N PHE B 332 25.80 -3.48 33.86
CA PHE B 332 26.10 -2.94 32.55
C PHE B 332 24.83 -2.35 31.96
N THR B 333 24.87 -1.06 31.63
CA THR B 333 23.72 -0.37 31.05
C THR B 333 23.99 -0.01 29.59
N CYS B 334 23.23 -0.62 28.68
CA CYS B 334 23.39 -0.36 27.27
C CYS B 334 22.52 0.80 26.81
N GLN B 335 23.17 1.87 26.36
CA GLN B 335 22.50 3.02 25.78
C GLN B 335 22.64 2.97 24.27
N TYR B 336 21.55 3.18 23.54
CA TYR B 336 21.57 3.11 22.10
C TYR B 336 20.67 4.16 21.44
N THR B 337 20.96 4.44 20.18
CA THR B 337 20.16 5.37 19.39
C THR B 337 19.93 4.78 17.99
N GLY B 338 19.28 5.55 17.13
CA GLY B 338 18.93 5.11 15.80
C GLY B 338 17.49 4.63 15.75
N ASN B 339 17.06 4.17 14.58
CA ASN B 339 15.67 3.76 14.41
C ASN B 339 15.49 2.94 13.13
N PRO B 340 14.69 1.87 13.20
CA PRO B 340 14.05 1.29 14.39
C PRO B 340 15.00 0.40 15.17
N ILE B 341 14.62 0.04 16.39
CA ILE B 341 15.32 -0.98 17.16
C ILE B 341 14.36 -2.14 17.35
N LYS B 342 14.79 -3.32 16.91
CA LYS B 342 13.95 -4.51 16.93
C LYS B 342 14.43 -5.52 17.95
N THR B 343 15.75 -5.60 18.13
CA THR B 343 16.33 -6.57 19.05
C THR B 343 17.53 -5.98 19.80
N VAL B 344 17.53 -6.21 21.11
CA VAL B 344 18.70 -5.96 21.94
C VAL B 344 19.23 -7.31 22.40
N SER B 345 20.56 -7.43 22.50
CA SER B 345 21.17 -8.66 22.96
C SER B 345 22.53 -8.38 23.57
N TRP B 346 23.09 -9.39 24.25
CA TRP B 346 24.36 -9.25 24.95
C TRP B 346 25.30 -10.38 24.59
N MET B 347 26.59 -10.12 24.80
CA MET B 347 27.62 -11.10 24.51
C MET B 347 28.75 -10.95 25.53
N LYS B 348 29.45 -12.04 25.78
CA LYS B 348 30.58 -12.05 26.71
C LYS B 348 31.69 -12.90 26.12
N ASP B 349 32.78 -12.25 25.72
CA ASP B 349 33.92 -12.93 25.11
C ASP B 349 33.47 -13.79 23.93
N GLY B 350 32.56 -13.23 23.14
CA GLY B 350 32.11 -13.87 21.91
C GLY B 350 30.98 -14.86 22.08
N LYS B 351 30.44 -14.95 23.31
CA LYS B 351 29.39 -15.91 23.62
C LYS B 351 28.10 -15.19 24.00
N ALA B 352 27.00 -15.59 23.38
CA ALA B 352 25.70 -15.00 23.68
C ALA B 352 25.30 -15.28 25.11
N ILE B 353 24.87 -14.24 25.83
CA ILE B 353 24.41 -14.39 27.20
C ILE B 353 23.24 -13.47 27.48
N GLY B 354 22.70 -13.57 28.70
CA GLY B 354 21.59 -12.73 29.12
C GLY B 354 20.40 -12.89 28.21
N HIS B 355 19.66 -11.79 28.03
CA HIS B 355 18.47 -11.79 27.19
C HIS B 355 18.39 -10.46 26.43
N SER B 356 17.21 -9.84 26.40
CA SER B 356 16.99 -8.66 25.57
C SER B 356 16.83 -7.37 26.38
N GLU B 357 17.31 -7.38 27.62
CA GLU B 357 17.18 -6.22 28.50
C GLU B 357 18.29 -5.20 28.22
N PRO B 358 18.01 -3.90 28.45
CA PRO B 358 19.03 -2.88 28.22
C PRO B 358 20.06 -2.80 29.34
N VAL B 359 19.72 -3.41 30.48
CA VAL B 359 20.60 -3.45 31.64
C VAL B 359 20.96 -4.88 31.98
N LEU B 360 22.22 -5.25 31.77
CA LEU B 360 22.71 -6.57 32.14
C LEU B 360 23.20 -6.57 33.57
N ARG B 361 22.87 -7.63 34.31
CA ARG B 361 23.16 -7.69 35.74
C ARG B 361 23.80 -9.01 36.13
N ILE B 362 24.96 -8.91 36.77
CA ILE B 362 25.62 -10.07 37.38
C ILE B 362 25.47 -9.95 38.89
N GLU B 363 24.76 -10.91 39.49
CA GLU B 363 24.46 -10.88 40.91
C GLU B 363 25.72 -10.98 41.78
N SER B 364 26.46 -12.07 41.61
CA SER B 364 27.64 -12.34 42.43
C SER B 364 28.84 -12.66 41.53
N VAL B 365 29.82 -11.76 41.52
CA VAL B 365 30.96 -11.88 40.63
C VAL B 365 31.89 -13.02 41.03
N LYS B 366 32.28 -13.80 40.03
CA LYS B 366 33.32 -14.81 40.16
C LYS B 366 34.48 -14.42 39.27
N LYS B 367 35.60 -15.11 39.39
CA LYS B 367 36.77 -14.79 38.58
C LYS B 367 36.53 -15.14 37.11
N GLU B 368 35.62 -16.06 36.86
CA GLU B 368 35.29 -16.46 35.49
C GLU B 368 34.46 -15.39 34.79
N ASP B 369 33.81 -14.52 35.57
CA ASP B 369 32.93 -13.51 35.01
C ASP B 369 33.71 -12.34 34.39
N LYS B 370 35.02 -12.28 34.63
CA LYS B 370 35.82 -11.18 34.08
C LYS B 370 36.00 -11.36 32.58
N GLY B 371 36.31 -10.26 31.90
CA GLY B 371 36.49 -10.27 30.46
C GLY B 371 35.70 -9.15 29.80
N MET B 372 35.44 -9.32 28.51
CA MET B 372 34.71 -8.33 27.73
C MET B 372 33.22 -8.62 27.69
N TYR B 373 32.43 -7.56 27.86
CA TYR B 373 30.97 -7.65 27.76
C TYR B 373 30.49 -6.74 26.65
N GLN B 374 29.64 -7.28 25.76
CA GLN B 374 29.13 -6.52 24.63
C GLN B 374 27.62 -6.42 24.61
N CYS B 375 27.13 -5.36 23.97
CA CYS B 375 25.71 -5.13 23.80
C CYS B 375 25.43 -4.84 22.33
N PHE B 376 24.63 -5.70 21.69
CA PHE B 376 24.27 -5.52 20.29
C PHE B 376 22.84 -5.01 20.14
N VAL B 377 22.68 -4.02 19.25
CA VAL B 377 21.36 -3.53 18.88
C VAL B 377 21.18 -3.70 17.36
N ARG B 378 19.97 -4.06 16.95
CA ARG B 378 19.74 -4.46 15.57
C ARG B 378 18.35 -4.13 15.03
N ASN B 379 18.28 -3.95 13.72
CA ASN B 379 17.02 -3.92 13.00
C ASN B 379 17.15 -4.82 11.77
N ASP B 380 16.28 -4.63 10.79
CA ASP B 380 16.30 -5.48 9.60
C ASP B 380 17.53 -5.24 8.74
N GLN B 381 18.00 -3.99 8.72
CA GLN B 381 19.03 -3.56 7.77
C GLN B 381 20.45 -3.50 8.32
N GLU B 382 20.60 -3.07 9.57
CA GLU B 382 21.94 -2.86 10.12
C GLU B 382 22.04 -3.25 11.60
N SER B 383 23.17 -2.89 12.21
CA SER B 383 23.45 -3.26 13.58
C SER B 383 24.52 -2.36 14.19
N ALA B 384 24.67 -2.44 15.51
CA ALA B 384 25.68 -1.67 16.22
C ALA B 384 25.99 -2.36 17.54
N GLU B 385 27.22 -2.22 18.00
CA GLU B 385 27.65 -2.86 19.23
C GLU B 385 28.53 -1.94 20.07
N ALA B 386 28.59 -2.24 21.37
CA ALA B 386 29.41 -1.50 22.31
C ALA B 386 30.10 -2.48 23.24
N SER B 387 31.30 -2.13 23.70
CA SER B 387 32.08 -3.02 24.55
C SER B 387 32.30 -2.40 25.94
N ALA B 388 32.57 -3.26 26.91
CA ALA B 388 32.87 -2.84 28.27
C ALA B 388 33.63 -3.96 28.98
N GLU B 389 34.70 -3.59 29.68
CA GLU B 389 35.55 -4.57 30.34
C GLU B 389 35.24 -4.65 31.84
N LEU B 390 35.23 -5.88 32.35
CA LEU B 390 35.02 -6.14 33.77
C LEU B 390 36.27 -6.77 34.39
N LYS B 391 36.83 -6.11 35.40
CA LYS B 391 37.99 -6.63 36.11
C LYS B 391 37.63 -6.92 37.57
N LEU B 392 38.51 -7.64 38.26
CA LEU B 392 38.25 -8.11 39.62
C LEU B 392 39.13 -7.37 40.63
N GLY B 393 39.00 -7.75 41.90
CA GLY B 393 39.80 -7.18 42.97
C GLY B 393 38.96 -6.75 44.15
C1 NAG C . -25.65 12.69 -24.43
C2 NAG C . -26.49 13.12 -25.62
C3 NAG C . -25.75 12.79 -26.93
C4 NAG C . -24.32 13.29 -26.89
C5 NAG C . -23.63 12.89 -25.59
C6 NAG C . -22.25 13.49 -25.44
C7 NAG C . -28.95 13.08 -25.84
C8 NAG C . -28.89 14.54 -26.19
N2 NAG C . -27.79 12.48 -25.58
O3 NAG C . -26.45 13.37 -28.02
O4 NAG C . -23.59 12.68 -27.95
O5 NAG C . -24.40 13.33 -24.47
O6 NAG C . -22.20 14.85 -25.87
O7 NAG C . -30.02 12.48 -25.77
C1 NAG C . -22.66 13.53 -28.64
C2 NAG C . -22.17 12.58 -29.76
C3 NAG C . -21.56 13.33 -30.95
C4 NAG C . -22.49 14.45 -31.39
C5 NAG C . -22.61 15.39 -30.20
C6 NAG C . -23.36 16.67 -30.50
C7 NAG C . -21.53 10.47 -28.65
C8 NAG C . -20.39 9.65 -28.14
N2 NAG C . -21.20 11.63 -29.23
O3 NAG C . -21.36 12.42 -32.02
O4 NAG C . -22.08 15.10 -32.59
O5 NAG C . -23.36 14.68 -29.21
O6 NAG C . -22.63 17.80 -30.01
O7 NAG C . -22.69 10.10 -28.55
C1 BMA C . -20.75 15.64 -32.64
C2 BMA C . -19.85 14.53 -33.27
C3 BMA C . -18.75 15.08 -34.15
C4 BMA C . -19.31 16.16 -35.06
C5 BMA C . -19.73 17.31 -34.17
C6 BMA C . -20.21 18.52 -34.96
O2 BMA C . -20.62 13.68 -34.13
O3 BMA C . -18.11 14.06 -34.90
O4 BMA C . -18.31 16.60 -35.97
O5 BMA C . -20.83 16.88 -33.34
O6 BMA C . -20.76 19.47 -34.05
C1 MAN C . -16.81 13.94 -34.32
C2 MAN C . -15.75 14.64 -35.26
C3 MAN C . -14.75 13.67 -35.87
C4 MAN C . -14.39 12.54 -34.93
C5 MAN C . -15.66 11.77 -34.58
C6 MAN C . -15.38 10.53 -33.75
O2 MAN C . -14.97 15.60 -34.53
O3 MAN C . -13.55 14.34 -36.25
O4 MAN C . -13.48 11.66 -35.54
O5 MAN C . -16.49 12.64 -33.79
O6 MAN C . -16.60 10.09 -33.18
C1 NAG D . 11.37 -18.67 1.95
C2 NAG D . 12.27 -19.21 3.06
C3 NAG D . 11.84 -18.63 4.41
C4 NAG D . 11.68 -17.12 4.35
C5 NAG D . 10.82 -16.72 3.15
C6 NAG D . 10.72 -15.23 2.94
C7 NAG D . 13.31 -21.43 2.93
C8 NAG D . 13.08 -22.91 3.00
N2 NAG D . 12.23 -20.66 3.10
O3 NAG D . 12.80 -18.98 5.40
O4 NAG D . 11.03 -16.68 5.54
O5 NAG D . 11.39 -17.26 1.95
O6 NAG D . 11.99 -14.58 3.12
O7 NAG D . 14.43 -20.97 2.72
C1 NAG D . 11.85 -15.69 6.18
C2 NAG D . 11.06 -14.98 7.26
C3 NAG D . 11.91 -13.90 7.91
C4 NAG D . 13.27 -14.44 8.34
C5 NAG D . 13.93 -15.25 7.22
C6 NAG D . 15.17 -15.97 7.66
C7 NAG D . 8.71 -15.11 6.55
C8 NAG D . 7.54 -14.36 5.99
N2 NAG D . 9.84 -14.41 6.72
O3 NAG D . 11.23 -13.38 9.05
O4 NAG D . 14.12 -13.34 8.64
O5 NAG D . 13.02 -16.25 6.74
O6 NAG D . 15.80 -16.64 6.59
O7 NAG D . 8.63 -16.30 6.85
C1 BMA D . 14.62 -13.38 9.98
C2 BMA D . 15.58 -12.19 10.07
C3 BMA D . 16.04 -11.96 11.49
C4 BMA D . 14.85 -11.97 12.47
C5 BMA D . 14.07 -13.27 12.31
C6 BMA D . 12.86 -13.35 13.22
O2 BMA D . 14.93 -10.98 9.68
O3 BMA D . 16.76 -10.73 11.58
O4 BMA D . 15.32 -11.85 13.81
O5 BMA D . 13.61 -13.37 10.95
O6 BMA D . 12.21 -14.59 12.96
C1 MAN D . 18.12 -11.00 11.20
C2 MAN D . 19.07 -10.33 12.20
C3 MAN D . 19.33 -8.88 11.76
C4 MAN D . 19.79 -8.82 10.31
C5 MAN D . 18.68 -9.37 9.42
C6 MAN D . 19.06 -9.37 7.95
O2 MAN D . 20.34 -10.99 12.25
O3 MAN D . 20.27 -8.24 12.60
O4 MAN D . 20.08 -7.48 9.95
O5 MAN D . 18.41 -10.75 9.82
O6 MAN D . 17.90 -9.68 7.18
C1 NAG E . 31.81 -8.70 -14.10
C2 NAG E . 33.02 -8.84 -15.01
C3 NAG E . 32.74 -8.15 -16.34
C4 NAG E . 31.44 -8.65 -16.94
C5 NAG E . 30.30 -8.65 -15.90
C6 NAG E . 29.05 -9.35 -16.40
C7 NAG E . 35.37 -8.94 -14.29
C8 NAG E . 36.48 -8.21 -13.62
N2 NAG E . 34.21 -8.28 -14.38
O3 NAG E . 33.82 -8.41 -17.24
O4 NAG E . 31.05 -7.77 -17.99
O5 NAG E . 30.71 -9.32 -14.70
O6 NAG E . 29.33 -10.68 -16.79
O7 NAG E . 35.51 -10.08 -14.74
C1 NAG E . 30.78 -8.52 -19.19
C2 NAG E . 30.05 -7.58 -20.15
C3 NAG E . 29.78 -8.29 -21.48
C4 NAG E . 31.08 -8.83 -22.04
C5 NAG E . 31.74 -9.74 -21.00
C6 NAG E . 33.07 -10.29 -21.45
C7 NAG E . 28.66 -5.94 -18.93
C8 NAG E . 29.87 -5.04 -18.88
N2 NAG E . 28.80 -7.12 -19.55
O3 NAG E . 29.18 -7.37 -22.38
O4 NAG E . 30.85 -9.61 -23.22
O5 NAG E . 31.98 -9.00 -19.81
O6 NAG E . 33.51 -11.34 -20.60
O7 NAG E . 27.58 -5.59 -18.45
C1 BMA E . 30.65 -8.88 -24.46
C2 BMA E . 31.70 -7.78 -24.69
C3 BMA E . 31.56 -7.17 -26.08
C4 BMA E . 31.49 -8.26 -27.15
C5 BMA E . 30.33 -9.20 -26.83
C6 BMA E . 30.21 -10.35 -27.80
O2 BMA E . 33.03 -8.30 -24.62
O3 BMA E . 32.64 -6.28 -26.36
O4 BMA E . 31.29 -7.65 -28.43
O5 BMA E . 30.57 -9.78 -25.54
O6 BMA E . 31.27 -11.30 -27.48
C1 MAN E . 31.93 -11.62 -28.73
C2 MAN E . 31.07 -12.64 -29.49
C3 MAN E . 31.74 -13.97 -29.76
C4 MAN E . 33.18 -13.72 -30.17
C5 MAN E . 33.86 -13.16 -28.95
C6 MAN E . 35.32 -13.00 -29.15
O2 MAN E . 30.81 -12.12 -30.77
O3 MAN E . 31.04 -14.67 -30.78
O4 MAN E . 33.84 -14.92 -30.61
O5 MAN E . 33.36 -11.82 -28.72
O6 MAN E . 35.52 -11.62 -29.39
C1 NAG F . -13.39 15.45 1.50
C2 NAG F . -14.24 16.19 2.52
C3 NAG F . -14.23 15.43 3.85
C4 NAG F . -14.56 13.96 3.64
C5 NAG F . -13.78 13.35 2.47
C6 NAG F . -14.27 11.98 2.07
C7 NAG F . -13.97 18.52 1.81
C8 NAG F . -13.41 19.86 2.15
N2 NAG F . -13.77 17.56 2.71
O3 NAG F . -15.18 16.02 4.73
O4 NAG F . -14.18 13.25 4.82
O5 NAG F . -13.91 14.17 1.30
O6 NAG F . -13.18 11.12 1.75
O7 NAG F . -14.57 18.32 0.76
C1 NAG F . -15.25 12.38 5.23
C2 NAG F . -14.62 11.24 6.02
C3 NAG F . -15.72 10.30 6.52
C4 NAG F . -16.76 11.08 7.30
C5 NAG F . -17.29 12.24 6.46
C6 NAG F . -18.26 13.13 7.21
C7 NAG F . -12.45 10.16 5.63
C8 NAG F . -11.59 9.42 4.65
N2 NAG F . -13.67 10.50 5.21
O3 NAG F . -15.14 9.30 7.35
O4 NAG F . -17.83 10.22 7.65
O5 NAG F . -16.19 13.07 6.04
O6 NAG F . -17.56 14.00 8.10
O7 NAG F . -12.05 10.43 6.77
C1 BMA F . -18.06 10.32 9.08
C2 BMA F . -19.50 9.90 9.37
C3 BMA F . -19.75 9.92 10.89
C4 BMA F . -18.65 9.14 11.63
C5 BMA F . -17.28 9.74 11.26
C6 BMA F . -16.10 9.03 11.91
O2 BMA F . -19.74 8.55 8.96
O3 BMA F . -21.05 9.43 11.21
O4 BMA F . -18.85 9.23 13.03
O5 BMA F . -17.10 9.63 9.83
O6 BMA F . -16.09 7.68 11.45
C1 MAN F . -22.00 10.35 10.60
C2 MAN F . -22.42 11.46 11.61
C3 MAN F . -23.81 11.20 12.18
C4 MAN F . -24.78 10.84 11.07
C5 MAN F . -24.32 9.51 10.46
C6 MAN F . -25.26 8.99 9.39
O2 MAN F . -22.48 12.73 10.97
O3 MAN F . -24.30 12.35 12.89
O4 MAN F . -26.10 10.71 11.58
O5 MAN F . -23.03 9.72 9.84
O6 MAN F . -24.79 7.72 8.96
C1 GOL G . -1.86 14.73 -7.26
O1 GOL G . -2.42 13.87 -8.22
C2 GOL G . -0.35 14.56 -7.21
O2 GOL G . 0.29 15.82 -7.23
C3 GOL G . 0.09 13.81 -5.96
O3 GOL G . 1.04 12.83 -6.29
#